data_5FSA
#
_entry.id   5FSA
#
_cell.length_a   179.590
_cell.length_b   72.910
_cell.length_c   79.710
_cell.angle_alpha   90.00
_cell.angle_beta   96.13
_cell.angle_gamma   90.00
#
_symmetry.space_group_name_H-M   'C 1 2 1'
#
loop_
_entity.id
_entity.type
_entity.pdbx_description
1 polymer 'CYP51 VARIANT1'
2 non-polymer 'PROTOPORPHYRIN IX CONTAINING FE'
3 non-polymer POSACONAZOLE
4 water water
#
_entity_poly.entity_id   1
_entity_poly.type   'polypeptide(L)'
_entity_poly.pdbx_seq_one_letter_code
;MAKKTPPLVFYWIPWFGSAASYGQQPYEFFESCRQKYGDVFSFMLLGKIMTVYLGPKGHEFVFNAKLSDVSAEEAYKHLT
TPVFGTGVIYDCPNSRLMEQKKFAKFALTTDSFKRYVPKIREEILNYFVTDESFKLKEKTHGVANVMKTQPEITIFTASR
SLFGDEMRRIFDRSFAQLYSDLDKGFTPINFVFPNLPLPHYWRRDAAQKKISATYMKEIKLRRERGDIDPNRDLIDSLLI
HSTYKDGVKMTDQEIANLLIGILMGGQHTSASTSAWFLLHLGEKPHLQDVIYQEVVELLKEKGGDLNDLTYEDLQKLPSV
NNTIKETLRMHMPLHSIFRKVTNPLRIPETNYIVPKGHYVLVSPGYAHTSERYFDNPEDFDPTRWDTAAAKANSVSFNSS
DEVDYGFGKVSKGVSSPYLPFGGGRHRCIGEQFAYVQLGTILTTFVYNLRWTIDGYKVPDPDYSSMVVLPTEPAEIIWEK
RETCMFHHHH
;
_entity_poly.pdbx_strand_id   A,B
#
loop_
_chem_comp.id
_chem_comp.type
_chem_comp.name
_chem_comp.formula
HEM non-polymer 'PROTOPORPHYRIN IX CONTAINING FE' 'C34 H32 Fe N4 O4'
X2N non-polymer POSACONAZOLE 'C37 H42 F2 N8 O4'
#
# COMPACT_ATOMS: atom_id res chain seq x y z
N LYS A 3 -1.42 -24.54 -23.42
CA LYS A 3 -1.70 -25.60 -22.41
C LYS A 3 -0.45 -26.37 -21.97
N LYS A 4 0.69 -26.10 -22.61
CA LYS A 4 1.92 -26.84 -22.30
C LYS A 4 2.94 -25.99 -21.55
N THR A 5 2.86 -24.68 -21.69
CA THR A 5 3.80 -23.79 -21.00
C THR A 5 3.05 -22.77 -20.14
N PRO A 6 3.72 -22.24 -19.11
CA PRO A 6 3.12 -21.18 -18.32
C PRO A 6 2.93 -19.92 -19.15
N PRO A 7 1.89 -19.13 -18.85
CA PRO A 7 1.61 -17.92 -19.63
C PRO A 7 2.66 -16.83 -19.41
N LEU A 8 3.60 -16.71 -20.34
CA LEU A 8 4.50 -15.56 -20.32
C LEU A 8 3.69 -14.28 -20.50
N VAL A 9 4.11 -13.22 -19.83
CA VAL A 9 3.32 -11.98 -19.79
C VAL A 9 3.99 -10.77 -20.43
N PHE A 10 3.30 -9.64 -20.37
CA PHE A 10 3.73 -8.40 -21.00
C PHE A 10 5.01 -7.85 -20.38
N TYR A 11 5.81 -7.19 -21.23
CA TYR A 11 7.09 -6.61 -20.85
C TYR A 11 7.14 -5.17 -21.33
N TRP A 12 7.30 -4.24 -20.40
CA TRP A 12 7.11 -2.82 -20.68
C TRP A 12 7.98 -2.35 -21.83
N ILE A 13 9.29 -2.59 -21.72
CA ILE A 13 10.24 -2.45 -22.83
C ILE A 13 10.90 -3.84 -22.96
N PRO A 14 11.04 -4.38 -24.19
CA PRO A 14 11.12 -5.86 -24.27
C PRO A 14 12.33 -6.58 -23.67
N TRP A 15 13.57 -6.22 -24.00
CA TRP A 15 14.70 -6.95 -23.42
C TRP A 15 14.71 -6.65 -21.92
N PHE A 16 14.45 -5.37 -21.67
CA PHE A 16 14.22 -4.82 -20.33
C PHE A 16 13.16 -5.62 -19.61
N GLY A 17 12.08 -5.92 -20.31
CA GLY A 17 11.04 -6.79 -19.81
C GLY A 17 10.23 -6.15 -18.70
N SER A 18 9.90 -6.93 -17.68
CA SER A 18 9.13 -6.44 -16.55
C SER A 18 10.04 -5.93 -15.44
N ALA A 19 11.30 -5.66 -15.76
CA ALA A 19 12.30 -5.39 -14.74
C ALA A 19 11.88 -4.27 -13.79
N ALA A 20 11.30 -3.20 -14.33
CA ALA A 20 10.96 -2.08 -13.45
C ALA A 20 9.84 -2.40 -12.48
N SER A 21 8.75 -2.99 -12.97
CA SER A 21 7.63 -3.31 -12.09
C SER A 21 8.08 -4.32 -11.05
N TYR A 22 8.74 -5.37 -11.51
CA TYR A 22 9.28 -6.39 -10.62
C TYR A 22 10.44 -5.87 -9.81
N GLY A 23 11.36 -5.17 -10.47
CA GLY A 23 12.52 -4.58 -9.81
C GLY A 23 12.14 -3.56 -8.76
N GLN A 24 11.06 -2.84 -9.01
CA GLN A 24 10.57 -1.83 -8.08
C GLN A 24 9.85 -2.45 -6.88
N GLN A 25 9.03 -3.46 -7.15
CA GLN A 25 8.30 -4.16 -6.10
C GLN A 25 7.91 -5.55 -6.61
N PRO A 26 8.53 -6.59 -6.05
CA PRO A 26 8.22 -7.95 -6.51
C PRO A 26 6.92 -8.52 -5.94
N TYR A 27 6.65 -8.28 -4.67
CA TYR A 27 5.48 -8.86 -4.02
C TYR A 27 4.18 -8.27 -4.56
N GLU A 28 4.22 -7.02 -4.99
CA GLU A 28 3.07 -6.39 -5.61
C GLU A 28 2.88 -6.95 -7.02
N PHE A 29 3.97 -6.95 -7.77
CA PHE A 29 3.99 -7.50 -9.13
C PHE A 29 3.48 -8.93 -9.15
N PHE A 30 3.95 -9.74 -8.21
CA PHE A 30 3.55 -11.15 -8.15
C PHE A 30 2.06 -11.28 -7.91
N GLU A 31 1.52 -10.49 -7.00
CA GLU A 31 0.10 -10.59 -6.63
C GLU A 31 -0.80 -10.16 -7.78
N SER A 32 -0.37 -9.15 -8.54
CA SER A 32 -1.19 -8.69 -9.64
C SER A 32 -1.38 -9.82 -10.64
N CYS A 33 -0.30 -10.53 -10.93
CA CYS A 33 -0.38 -11.64 -11.88
C CYS A 33 -1.23 -12.78 -11.32
N ARG A 34 -0.96 -13.15 -10.07
CA ARG A 34 -1.66 -14.27 -9.45
C ARG A 34 -3.17 -14.15 -9.65
N GLN A 35 -3.71 -12.96 -9.41
CA GLN A 35 -5.16 -12.75 -9.37
C GLN A 35 -5.83 -12.89 -10.74
N LYS A 36 -5.05 -13.09 -11.80
CA LYS A 36 -5.62 -13.30 -13.12
C LYS A 36 -4.91 -14.34 -13.98
N TYR A 37 -3.91 -15.01 -13.43
CA TYR A 37 -3.29 -16.14 -14.12
C TYR A 37 -3.22 -17.37 -13.22
N GLY A 38 -3.11 -17.12 -11.91
CA GLY A 38 -2.94 -18.19 -10.95
C GLY A 38 -1.55 -18.20 -10.36
N ASP A 39 -1.21 -19.34 -9.75
CA ASP A 39 0.03 -19.50 -9.00
C ASP A 39 1.30 -19.50 -9.86
N VAL A 40 1.23 -20.07 -11.05
CA VAL A 40 2.41 -20.10 -11.92
C VAL A 40 2.23 -19.25 -13.18
N PHE A 41 3.24 -18.45 -13.47
CA PHE A 41 3.21 -17.64 -14.68
C PHE A 41 4.62 -17.16 -15.00
N SER A 42 4.87 -16.90 -16.28
CA SER A 42 6.19 -16.44 -16.70
C SER A 42 6.17 -14.94 -17.00
N PHE A 43 7.35 -14.34 -16.86
CA PHE A 43 7.56 -12.93 -17.19
C PHE A 43 9.04 -12.73 -17.48
N MET A 44 9.36 -11.97 -18.52
CA MET A 44 10.75 -11.90 -18.96
C MET A 44 11.53 -10.75 -18.33
N LEU A 45 12.84 -10.95 -18.19
CA LEU A 45 13.69 -10.06 -17.39
C LEU A 45 15.14 -10.08 -17.89
N LEU A 46 15.58 -8.94 -18.42
CA LEU A 46 16.96 -8.76 -18.87
C LEU A 46 17.37 -9.85 -19.85
N GLY A 47 16.47 -10.18 -20.76
CA GLY A 47 16.71 -11.24 -21.73
C GLY A 47 16.28 -12.59 -21.20
N LYS A 48 16.48 -12.80 -19.90
CA LYS A 48 16.07 -14.03 -19.24
C LYS A 48 14.59 -13.94 -18.87
N ILE A 49 13.78 -14.87 -19.36
CA ILE A 49 12.39 -14.93 -18.93
C ILE A 49 12.28 -15.75 -17.66
N MET A 50 11.30 -15.43 -16.82
CA MET A 50 11.25 -15.94 -15.46
C MET A 50 9.92 -16.65 -15.21
N THR A 51 10.01 -17.90 -14.77
CA THR A 51 8.82 -18.64 -14.42
C THR A 51 8.74 -18.76 -12.91
N VAL A 52 7.56 -18.40 -12.40
CA VAL A 52 7.31 -18.29 -10.97
C VAL A 52 6.22 -19.23 -10.50
N TYR A 53 6.41 -19.79 -9.32
CA TYR A 53 5.36 -20.58 -8.69
C TYR A 53 5.10 -20.09 -7.27
N LEU A 54 3.96 -19.45 -7.07
CA LEU A 54 3.62 -18.84 -5.78
C LEU A 54 3.10 -19.86 -4.78
N GLY A 55 3.19 -19.51 -3.50
CA GLY A 55 2.61 -20.31 -2.43
C GLY A 55 3.43 -21.53 -2.05
N PRO A 56 2.96 -22.28 -1.04
CA PRO A 56 3.65 -23.46 -0.51
C PRO A 56 4.03 -24.46 -1.59
N LYS A 57 3.16 -24.66 -2.58
CA LYS A 57 3.39 -25.69 -3.59
C LYS A 57 4.54 -25.29 -4.50
N GLY A 58 4.72 -23.99 -4.69
CA GLY A 58 5.87 -23.47 -5.42
C GLY A 58 7.16 -23.64 -4.64
N HIS A 59 7.04 -23.75 -3.31
CA HIS A 59 8.19 -24.02 -2.46
C HIS A 59 8.66 -25.45 -2.67
N GLU A 60 7.70 -26.36 -2.82
CA GLU A 60 8.00 -27.77 -3.00
C GLU A 60 8.65 -28.03 -4.35
N PHE A 61 8.04 -27.49 -5.40
CA PHE A 61 8.49 -27.73 -6.77
C PHE A 61 9.89 -27.17 -7.05
N VAL A 62 10.31 -26.19 -6.27
CA VAL A 62 11.61 -25.55 -6.48
C VAL A 62 12.71 -26.04 -5.54
N PHE A 63 12.44 -25.99 -4.24
CA PHE A 63 13.45 -26.40 -3.26
C PHE A 63 13.68 -27.90 -3.29
N ASN A 64 12.64 -28.66 -3.62
CA ASN A 64 12.72 -30.12 -3.62
C ASN A 64 12.89 -30.69 -5.02
N ALA A 65 13.30 -29.84 -5.95
CA ALA A 65 13.56 -30.26 -7.32
C ALA A 65 14.78 -31.16 -7.37
N LYS A 66 14.76 -32.17 -8.24
CA LYS A 66 15.89 -33.09 -8.38
C LYS A 66 17.15 -32.35 -8.83
N LEU A 67 18.30 -32.93 -8.49
CA LEU A 67 19.60 -32.39 -8.87
C LEU A 67 19.76 -32.28 -10.37
N SER A 68 19.03 -33.11 -11.11
CA SER A 68 19.16 -33.17 -12.57
C SER A 68 18.28 -32.15 -13.27
N ASP A 69 17.15 -31.81 -12.65
CA ASP A 69 16.16 -30.93 -13.26
C ASP A 69 16.56 -29.47 -13.22
N VAL A 70 17.04 -29.02 -12.07
CA VAL A 70 17.45 -27.62 -11.89
C VAL A 70 18.87 -27.55 -11.36
N SER A 71 19.40 -26.34 -11.28
CA SER A 71 20.76 -26.13 -10.80
C SER A 71 20.96 -24.68 -10.38
N ALA A 72 21.43 -24.51 -9.15
CA ALA A 72 21.62 -23.16 -8.60
C ALA A 72 22.98 -22.59 -9.00
N GLU A 73 23.90 -23.45 -9.39
CA GLU A 73 25.24 -23.01 -9.76
C GLU A 73 25.14 -22.08 -10.95
N GLU A 74 24.29 -22.47 -11.91
CA GLU A 74 24.16 -21.72 -13.16
C GLU A 74 23.64 -20.32 -12.93
N ALA A 75 22.64 -20.21 -12.06
CA ALA A 75 21.97 -18.94 -11.77
C ALA A 75 22.83 -17.99 -10.94
N TYR A 76 23.63 -18.52 -10.03
CA TYR A 76 24.40 -17.69 -9.11
C TYR A 76 25.89 -17.50 -9.43
N LYS A 77 26.36 -18.20 -10.46
CA LYS A 77 27.81 -18.26 -10.72
C LYS A 77 28.51 -16.90 -10.77
N HIS A 78 27.98 -15.98 -11.57
CA HIS A 78 28.64 -14.70 -11.83
C HIS A 78 28.35 -13.67 -10.75
N LEU A 79 27.32 -13.91 -9.96
CA LEU A 79 27.00 -13.02 -8.85
C LEU A 79 28.06 -13.14 -7.76
N THR A 80 28.56 -14.35 -7.59
CA THR A 80 29.36 -14.69 -6.41
C THR A 80 30.83 -14.86 -6.76
N THR A 81 31.11 -15.69 -7.77
CA THR A 81 32.48 -16.05 -8.10
C THR A 81 33.43 -14.85 -8.17
N PRO A 82 33.11 -13.87 -9.02
CA PRO A 82 34.00 -12.71 -9.14
C PRO A 82 34.12 -11.93 -7.83
N VAL A 83 33.21 -12.18 -6.91
CA VAL A 83 33.19 -11.47 -5.63
C VAL A 83 33.96 -12.24 -4.56
N PHE A 84 33.75 -13.55 -4.50
CA PHE A 84 34.36 -14.38 -3.47
C PHE A 84 35.67 -14.97 -3.95
N GLY A 85 35.61 -15.69 -5.07
CA GLY A 85 36.79 -16.34 -5.62
C GLY A 85 36.44 -17.63 -6.34
N THR A 86 37.47 -18.32 -6.83
CA THR A 86 37.29 -19.52 -7.63
C THR A 86 37.39 -20.78 -6.77
N GLY A 87 36.78 -21.86 -7.25
CA GLY A 87 36.94 -23.18 -6.62
C GLY A 87 35.80 -23.55 -5.71
N VAL A 88 35.16 -22.54 -5.12
CA VAL A 88 34.20 -22.75 -4.06
C VAL A 88 32.80 -22.21 -4.29
N ILE A 89 31.82 -22.65 -3.51
CA ILE A 89 30.49 -22.04 -3.56
C ILE A 89 29.87 -21.68 -4.92
N TYR A 90 29.42 -22.61 -5.72
CA TYR A 90 28.81 -22.26 -7.04
C TYR A 90 29.89 -22.14 -8.07
N ASP A 91 31.14 -22.34 -7.70
CA ASP A 91 32.11 -22.38 -8.79
C ASP A 91 32.63 -23.81 -8.77
N CYS A 92 31.77 -24.75 -8.41
CA CYS A 92 32.17 -26.14 -8.25
C CYS A 92 30.96 -27.07 -8.27
N PRO A 93 31.19 -28.35 -8.58
CA PRO A 93 30.09 -29.29 -8.55
C PRO A 93 29.27 -29.16 -7.27
N ASN A 94 28.01 -29.58 -7.34
CA ASN A 94 27.12 -29.49 -6.18
C ASN A 94 27.68 -30.23 -4.98
N SER A 95 28.22 -31.42 -5.22
CA SER A 95 28.70 -32.29 -4.14
C SER A 95 29.84 -31.62 -3.36
N ARG A 96 30.59 -30.76 -4.04
CA ARG A 96 31.65 -29.99 -3.37
C ARG A 96 31.02 -28.93 -2.48
N LEU A 97 29.97 -28.29 -2.98
CA LEU A 97 29.22 -27.31 -2.20
C LEU A 97 28.63 -27.93 -0.95
N MET A 98 27.99 -29.09 -1.10
CA MET A 98 27.33 -29.75 0.03
C MET A 98 28.33 -29.97 1.17
N GLU A 99 29.51 -30.48 0.84
CA GLU A 99 30.51 -30.80 1.85
C GLU A 99 31.12 -29.55 2.46
N GLN A 100 31.28 -28.51 1.65
CA GLN A 100 31.78 -27.23 2.16
C GLN A 100 30.84 -26.68 3.23
N LYS A 101 29.58 -27.09 3.18
CA LYS A 101 28.64 -26.80 4.26
C LYS A 101 29.01 -27.63 5.49
N LYS A 102 29.16 -28.93 5.28
CA LYS A 102 29.51 -29.85 6.36
C LYS A 102 30.72 -29.33 7.12
N PHE A 103 31.74 -28.89 6.39
CA PHE A 103 32.95 -28.36 7.01
C PHE A 103 32.58 -27.19 7.91
N ALA A 104 31.87 -26.22 7.35
CA ALA A 104 31.57 -24.97 8.05
C ALA A 104 30.70 -25.19 9.28
N LYS A 105 29.81 -26.16 9.21
CA LYS A 105 28.86 -26.39 10.30
C LYS A 105 29.56 -26.76 11.61
N PHE A 106 30.76 -27.30 11.52
CA PHE A 106 31.51 -27.70 12.72
C PHE A 106 31.87 -26.50 13.59
N ALA A 107 31.79 -25.30 13.02
CA ALA A 107 32.06 -24.08 13.78
C ALA A 107 30.77 -23.38 14.17
N LEU A 108 29.64 -23.99 13.81
CA LEU A 108 28.33 -23.45 14.17
C LEU A 108 27.60 -24.46 15.03
N THR A 109 28.12 -24.63 16.24
CA THR A 109 27.58 -25.60 17.18
C THR A 109 27.39 -24.93 18.53
N THR A 110 26.61 -25.57 19.37
CA THR A 110 26.24 -25.03 20.67
C THR A 110 27.45 -24.61 21.49
N ASP A 111 28.56 -25.30 21.32
CA ASP A 111 29.77 -25.00 22.09
C ASP A 111 30.43 -23.72 21.58
N SER A 112 30.35 -23.52 20.27
CA SER A 112 30.85 -22.30 19.65
C SER A 112 30.00 -21.10 20.07
N PHE A 113 28.68 -21.30 20.05
CA PHE A 113 27.74 -20.20 20.27
C PHE A 113 27.92 -19.58 21.64
N LYS A 114 28.17 -20.41 22.65
CA LYS A 114 28.36 -19.94 24.01
C LYS A 114 29.56 -19.00 24.08
N ARG A 115 30.58 -19.30 23.28
CA ARG A 115 31.76 -18.45 23.20
C ARG A 115 31.48 -17.18 22.41
N TYR A 116 30.73 -17.33 21.32
CA TYR A 116 30.49 -16.21 20.41
C TYR A 116 29.77 -15.04 21.06
N VAL A 117 28.87 -15.32 22.00
CA VAL A 117 27.99 -14.28 22.55
C VAL A 117 28.76 -13.20 23.31
N PRO A 118 29.60 -13.60 24.27
CA PRO A 118 30.41 -12.58 24.94
C PRO A 118 31.28 -11.79 23.97
N LYS A 119 31.90 -12.47 23.01
CA LYS A 119 32.67 -11.80 21.98
C LYS A 119 31.79 -10.77 21.28
N ILE A 120 30.71 -11.25 20.67
CA ILE A 120 29.82 -10.40 19.90
C ILE A 120 29.33 -9.20 20.70
N ARG A 121 28.96 -9.43 21.95
CA ARG A 121 28.54 -8.33 22.81
C ARG A 121 29.68 -7.34 23.00
N GLU A 122 30.89 -7.86 23.20
CA GLU A 122 32.04 -7.02 23.51
C GLU A 122 32.35 -6.04 22.38
N GLU A 123 32.18 -6.50 21.14
CA GLU A 123 32.41 -5.62 19.98
C GLU A 123 31.35 -4.53 19.90
N ILE A 124 30.10 -4.89 20.19
CA ILE A 124 29.01 -3.92 20.17
C ILE A 124 29.29 -2.80 21.16
N LEU A 125 29.82 -3.16 22.33
CA LEU A 125 30.14 -2.18 23.36
C LEU A 125 31.30 -1.31 22.92
N ASN A 126 32.23 -1.88 22.16
CA ASN A 126 33.31 -1.11 21.57
C ASN A 126 32.76 -0.03 20.65
N TYR A 127 31.78 -0.41 19.82
CA TYR A 127 31.14 0.51 18.89
C TYR A 127 30.37 1.61 19.62
N PHE A 128 29.63 1.25 20.66
CA PHE A 128 28.84 2.23 21.40
C PHE A 128 29.71 3.38 21.88
N VAL A 129 30.99 3.09 22.13
CA VAL A 129 31.90 4.09 22.68
C VAL A 129 32.72 4.77 21.60
N THR A 130 33.45 3.98 20.80
CA THR A 130 34.47 4.52 19.92
C THR A 130 33.85 5.23 18.72
N ASP A 131 32.71 4.73 18.23
CA ASP A 131 32.10 5.33 17.06
C ASP A 131 31.40 6.66 17.30
N GLU A 132 31.53 7.52 16.29
CA GLU A 132 30.97 8.85 16.30
C GLU A 132 29.45 8.82 16.40
N SER A 133 28.85 7.77 15.84
CA SER A 133 27.39 7.67 15.85
C SER A 133 26.83 7.64 17.27
N PHE A 134 27.59 7.11 18.22
CA PHE A 134 27.09 7.02 19.59
C PHE A 134 27.91 7.83 20.59
N LYS A 135 29.15 7.41 20.81
CA LYS A 135 29.99 8.11 21.77
C LYS A 135 29.28 8.20 23.12
N LEU A 136 28.77 7.07 23.60
CA LEU A 136 27.96 7.05 24.82
C LEU A 136 28.65 7.66 26.04
N LYS A 137 29.97 7.58 26.10
CA LYS A 137 30.70 8.05 27.27
C LYS A 137 30.51 9.55 27.46
N GLU A 138 30.39 10.27 26.35
CA GLU A 138 30.33 11.72 26.38
C GLU A 138 28.97 12.27 25.97
N LYS A 139 28.21 11.48 25.22
CA LYS A 139 26.90 11.92 24.76
C LYS A 139 25.78 11.20 25.52
N THR A 140 24.63 11.85 25.61
CA THR A 140 23.43 11.24 26.17
C THR A 140 22.33 11.16 25.12
N HIS A 141 22.42 12.03 24.12
CA HIS A 141 21.53 12.00 22.97
C HIS A 141 22.34 11.55 21.76
N GLY A 142 21.67 11.19 20.68
CA GLY A 142 22.37 10.77 19.47
C GLY A 142 21.46 10.40 18.32
N VAL A 143 21.99 10.51 17.11
CA VAL A 143 21.28 10.06 15.92
C VAL A 143 22.16 9.10 15.14
N ALA A 144 21.61 7.92 14.86
CA ALA A 144 22.37 6.86 14.21
C ALA A 144 21.72 6.43 12.89
N ASN A 145 22.45 6.58 11.80
CA ASN A 145 22.03 6.05 10.51
C ASN A 145 22.22 4.54 10.46
N VAL A 146 21.12 3.81 10.63
CA VAL A 146 21.19 2.36 10.74
C VAL A 146 21.80 1.72 9.50
N MET A 147 21.86 2.48 8.41
CA MET A 147 22.42 1.97 7.16
C MET A 147 23.95 2.09 7.16
N LYS A 148 24.47 2.90 8.08
CA LYS A 148 25.90 2.97 8.31
C LYS A 148 26.31 2.01 9.42
N THR A 149 25.62 2.11 10.56
CA THR A 149 26.01 1.40 11.77
C THR A 149 25.92 -0.12 11.65
N GLN A 150 24.82 -0.61 11.10
CA GLN A 150 24.53 -2.04 11.18
C GLN A 150 25.50 -2.90 10.36
N PRO A 151 25.79 -2.49 9.13
CA PRO A 151 26.77 -3.26 8.35
C PRO A 151 28.17 -3.23 8.97
N GLU A 152 28.48 -2.19 9.72
CA GLU A 152 29.78 -2.07 10.39
C GLU A 152 29.79 -2.91 11.66
N ILE A 153 28.68 -2.87 12.40
CA ILE A 153 28.57 -3.69 13.62
C ILE A 153 28.51 -5.17 13.26
N THR A 154 27.76 -5.50 12.21
CA THR A 154 27.62 -6.89 11.78
C THR A 154 28.94 -7.46 11.26
N ILE A 155 29.70 -6.67 10.53
CA ILE A 155 30.98 -7.14 9.97
C ILE A 155 32.03 -7.28 11.07
N PHE A 156 31.97 -6.42 12.08
CA PHE A 156 32.93 -6.48 13.19
C PHE A 156 32.61 -7.66 14.09
N THR A 157 31.32 -7.92 14.32
CA THR A 157 30.89 -9.01 15.18
C THR A 157 31.12 -10.37 14.51
N ALA A 158 30.81 -10.46 13.23
CA ALA A 158 31.04 -11.68 12.48
C ALA A 158 32.55 -11.96 12.40
N SER A 159 33.29 -10.92 12.04
CA SER A 159 34.75 -11.02 11.95
C SER A 159 35.36 -11.57 13.23
N ARG A 160 34.93 -11.04 14.38
CA ARG A 160 35.51 -11.42 15.66
C ARG A 160 35.13 -12.83 16.07
N SER A 161 33.88 -13.22 15.80
CA SER A 161 33.38 -14.52 16.23
C SER A 161 33.97 -15.66 15.41
N LEU A 162 33.95 -15.51 14.09
CA LEU A 162 34.22 -16.63 13.18
C LEU A 162 35.67 -16.70 12.73
N PHE A 163 36.35 -15.55 12.73
CA PHE A 163 37.74 -15.49 12.27
C PHE A 163 38.72 -15.39 13.43
N GLY A 164 38.33 -14.65 14.46
CA GLY A 164 39.17 -14.51 15.65
C GLY A 164 39.55 -13.08 15.96
N ASP A 165 40.38 -12.91 16.99
CA ASP A 165 40.73 -11.58 17.48
C ASP A 165 41.90 -10.96 16.73
N GLU A 166 42.72 -11.79 16.11
CA GLU A 166 43.85 -11.29 15.32
C GLU A 166 43.34 -10.62 14.05
N MET A 167 42.32 -11.22 13.44
CA MET A 167 41.74 -10.68 12.20
C MET A 167 40.87 -9.47 12.48
N ARG A 168 40.27 -9.42 13.66
CA ARG A 168 39.46 -8.26 14.05
C ARG A 168 40.32 -7.03 14.34
N ARG A 169 41.57 -7.23 14.73
CA ARG A 169 42.47 -6.11 14.96
C ARG A 169 43.08 -5.59 13.66
N ILE A 170 43.09 -6.43 12.63
CA ILE A 170 43.64 -6.02 11.34
C ILE A 170 42.71 -5.03 10.64
N PHE A 171 41.42 -5.09 10.99
CA PHE A 171 40.42 -4.23 10.35
C PHE A 171 40.58 -2.77 10.78
N ASP A 172 41.23 -2.55 11.92
CA ASP A 172 41.33 -1.21 12.49
C ASP A 172 42.12 -0.28 11.55
N ARG A 173 42.46 -0.84 10.39
CA ARG A 173 43.30 -0.18 9.39
C ARG A 173 42.61 0.10 8.07
N SER A 174 43.40 0.64 7.16
CA SER A 174 42.97 0.95 5.80
C SER A 174 42.44 -0.30 5.13
N PHE A 175 42.88 -1.48 5.55
CA PHE A 175 42.41 -2.63 4.80
C PHE A 175 40.89 -2.70 4.95
N ALA A 176 40.36 -2.01 5.95
CA ALA A 176 38.91 -1.88 6.08
C ALA A 176 38.32 -1.46 4.75
N GLN A 177 39.05 -0.61 4.05
CA GLN A 177 38.63 -0.11 2.76
C GLN A 177 38.37 -1.27 1.80
N LEU A 178 39.35 -2.16 1.73
CA LEU A 178 39.36 -3.27 0.77
C LEU A 178 38.03 -4.00 0.80
N TYR A 179 37.40 -4.07 1.97
CA TYR A 179 36.10 -4.72 2.09
C TYR A 179 34.97 -3.86 1.55
N SER A 180 35.06 -2.55 1.72
CA SER A 180 34.09 -1.63 1.14
C SER A 180 34.07 -1.79 -0.37
N ASP A 181 35.24 -2.03 -0.93
CA ASP A 181 35.43 -2.13 -2.37
C ASP A 181 34.90 -3.48 -2.87
N LEU A 182 35.14 -4.53 -2.10
CA LEU A 182 34.65 -5.87 -2.40
C LEU A 182 33.14 -5.91 -2.17
N ASP A 183 32.72 -5.16 -1.16
CA ASP A 183 31.31 -5.07 -0.76
C ASP A 183 30.50 -4.44 -1.88
N LYS A 184 31.07 -3.42 -2.51
CA LYS A 184 30.43 -2.74 -3.62
C LYS A 184 30.36 -3.69 -4.82
N GLY A 185 31.29 -4.62 -4.87
CA GLY A 185 31.35 -5.59 -5.97
C GLY A 185 30.17 -6.52 -5.91
N PHE A 186 29.68 -6.72 -4.70
CA PHE A 186 28.55 -7.60 -4.46
C PHE A 186 27.27 -6.84 -4.72
N THR A 187 26.89 -6.77 -5.99
CA THR A 187 25.67 -6.09 -6.36
C THR A 187 24.99 -6.88 -7.46
N PRO A 188 23.65 -6.85 -7.46
CA PRO A 188 22.90 -7.61 -8.45
C PRO A 188 23.26 -7.22 -9.88
N ILE A 189 24.12 -6.23 -10.02
CA ILE A 189 24.58 -5.79 -11.33
C ILE A 189 25.51 -6.81 -11.98
N ASN A 190 26.02 -7.74 -11.17
CA ASN A 190 26.90 -8.79 -11.65
C ASN A 190 26.16 -9.79 -12.53
N PHE A 191 24.89 -10.01 -12.25
CA PHE A 191 24.11 -11.03 -12.95
C PHE A 191 24.28 -10.88 -14.45
N VAL A 192 24.38 -9.64 -14.90
CA VAL A 192 24.46 -9.36 -16.33
C VAL A 192 25.81 -8.74 -16.72
N PHE A 193 26.40 -7.99 -15.79
CA PHE A 193 27.74 -7.45 -15.98
C PHE A 193 28.75 -8.02 -14.98
N PRO A 194 29.33 -9.19 -15.28
CA PRO A 194 30.30 -9.73 -14.34
C PRO A 194 31.59 -8.91 -14.22
N ASN A 195 32.24 -8.64 -15.34
CA ASN A 195 33.53 -7.96 -15.34
C ASN A 195 33.64 -6.90 -16.43
N LEU A 196 33.67 -5.63 -16.02
CA LEU A 196 33.88 -4.52 -16.95
C LEU A 196 35.16 -3.77 -16.56
N PRO A 197 35.70 -2.95 -17.48
CA PRO A 197 37.02 -2.35 -17.26
C PRO A 197 37.11 -1.09 -16.38
N LEU A 198 35.99 -0.62 -15.85
CA LEU A 198 36.01 0.65 -15.13
C LEU A 198 36.40 0.43 -13.67
N PRO A 199 36.92 1.48 -13.02
CA PRO A 199 37.50 1.42 -11.68
C PRO A 199 36.79 0.50 -10.70
N HIS A 200 35.45 0.46 -10.75
CA HIS A 200 34.68 -0.34 -9.81
C HIS A 200 35.13 -1.80 -9.82
N TYR A 201 35.25 -2.35 -11.03
CA TYR A 201 35.52 -3.78 -11.20
C TYR A 201 36.98 -4.11 -10.95
N TRP A 202 37.88 -3.16 -11.23
CA TRP A 202 39.31 -3.35 -10.97
C TRP A 202 39.61 -3.30 -9.48
N ARG A 203 39.07 -2.30 -8.80
CA ARG A 203 39.25 -2.17 -7.36
C ARG A 203 38.64 -3.37 -6.66
N ARG A 204 37.63 -3.96 -7.30
CA ARG A 204 36.94 -5.12 -6.74
C ARG A 204 37.72 -6.42 -6.88
N ASP A 205 38.41 -6.59 -8.00
CA ASP A 205 39.22 -7.79 -8.23
C ASP A 205 40.49 -7.68 -7.39
N ALA A 206 41.08 -6.49 -7.39
CA ALA A 206 42.26 -6.21 -6.58
C ALA A 206 41.96 -6.50 -5.11
N ALA A 207 40.88 -5.92 -4.61
CA ALA A 207 40.48 -6.08 -3.22
C ALA A 207 40.42 -7.55 -2.84
N GLN A 208 39.71 -8.34 -3.65
CA GLN A 208 39.52 -9.76 -3.39
C GLN A 208 40.86 -10.46 -3.20
N LYS A 209 41.79 -10.22 -4.12
CA LYS A 209 43.06 -10.93 -4.14
C LYS A 209 43.93 -10.55 -2.94
N LYS A 210 43.77 -9.34 -2.44
CA LYS A 210 44.54 -8.88 -1.29
C LYS A 210 43.91 -9.36 0.02
N ILE A 211 42.59 -9.49 0.03
CA ILE A 211 41.89 -9.99 1.21
C ILE A 211 42.05 -11.51 1.30
N SER A 212 42.10 -12.15 0.14
CA SER A 212 42.38 -13.58 0.06
C SER A 212 43.76 -13.88 0.61
N ALA A 213 44.72 -13.04 0.26
CA ALA A 213 46.09 -13.15 0.76
C ALA A 213 46.13 -12.99 2.27
N THR A 214 45.39 -12.00 2.78
CA THR A 214 45.37 -11.71 4.20
C THR A 214 44.89 -12.93 4.98
N TYR A 215 43.86 -13.60 4.48
CA TYR A 215 43.33 -14.79 5.14
C TYR A 215 44.27 -15.98 4.95
N MET A 216 44.96 -16.04 3.83
CA MET A 216 45.87 -17.14 3.54
C MET A 216 47.04 -17.11 4.52
N LYS A 217 47.56 -15.91 4.78
CA LYS A 217 48.70 -15.72 5.68
C LYS A 217 48.33 -16.05 7.12
N GLU A 218 47.10 -15.70 7.52
CA GLU A 218 46.64 -15.97 8.88
C GLU A 218 46.34 -17.46 9.03
N ILE A 219 45.83 -18.08 7.98
CA ILE A 219 45.64 -19.52 7.99
C ILE A 219 47.00 -20.18 8.12
N LYS A 220 47.97 -19.67 7.36
CA LYS A 220 49.32 -20.21 7.41
C LYS A 220 49.87 -20.16 8.83
N LEU A 221 50.01 -18.96 9.39
CA LEU A 221 50.67 -18.80 10.68
C LEU A 221 49.93 -19.52 11.80
N ARG A 222 48.61 -19.34 11.86
CA ARG A 222 47.80 -20.01 12.87
C ARG A 222 48.05 -21.51 12.84
N ARG A 223 48.42 -22.04 11.68
CA ARG A 223 48.73 -23.46 11.55
C ARG A 223 50.13 -23.77 12.06
N GLU A 224 51.13 -23.13 11.46
CA GLU A 224 52.52 -23.45 11.76
C GLU A 224 52.88 -23.13 13.22
N ARG A 225 52.32 -22.05 13.72
CA ARG A 225 52.44 -21.70 15.14
C ARG A 225 52.10 -22.91 15.99
N GLY A 226 51.19 -23.74 15.48
CA GLY A 226 50.88 -25.02 16.11
C GLY A 226 49.72 -25.08 17.07
N ASP A 227 48.97 -23.99 17.20
CA ASP A 227 47.79 -23.97 18.08
C ASP A 227 46.50 -23.74 17.31
N ILE A 228 45.91 -24.83 16.84
CA ILE A 228 44.60 -24.80 16.20
C ILE A 228 43.62 -25.65 17.01
N ASP A 229 43.93 -25.87 18.28
CA ASP A 229 43.21 -26.86 19.09
C ASP A 229 41.81 -26.41 19.52
N PRO A 230 41.68 -25.23 20.16
CA PRO A 230 40.29 -24.94 20.48
C PRO A 230 39.45 -24.84 19.21
N ASN A 231 38.24 -25.38 19.26
CA ASN A 231 37.30 -25.31 18.14
C ASN A 231 36.73 -23.90 18.17
N ARG A 232 37.69 -22.97 18.17
CA ARG A 232 37.47 -21.56 18.41
C ARG A 232 36.53 -20.93 17.40
N ASP A 233 36.72 -21.33 16.15
CA ASP A 233 36.08 -20.64 15.06
C ASP A 233 36.12 -21.39 13.74
N LEU A 234 35.60 -20.70 12.74
CA LEU A 234 35.47 -21.19 11.37
C LEU A 234 36.81 -21.47 10.69
N ILE A 235 37.82 -20.66 11.02
CA ILE A 235 39.15 -20.84 10.44
C ILE A 235 39.81 -22.12 10.97
N ASP A 236 39.60 -22.39 12.26
CA ASP A 236 40.12 -23.60 12.88
C ASP A 236 39.48 -24.85 12.27
N SER A 237 38.18 -24.78 12.05
CA SER A 237 37.40 -25.95 11.64
C SER A 237 37.65 -26.33 10.18
N LEU A 238 38.12 -25.37 9.39
CA LEU A 238 38.44 -25.64 7.99
C LEU A 238 39.87 -26.16 7.88
N LEU A 239 40.72 -25.76 8.83
CA LEU A 239 42.07 -26.29 8.94
C LEU A 239 42.05 -27.81 9.16
N ILE A 240 41.10 -28.28 9.96
CA ILE A 240 41.04 -29.71 10.28
C ILE A 240 40.10 -30.50 9.37
N HIS A 241 38.96 -29.90 9.00
CA HIS A 241 38.08 -30.52 8.01
C HIS A 241 38.08 -29.74 6.70
N SER A 242 38.76 -30.29 5.70
CA SER A 242 38.73 -29.73 4.35
C SER A 242 39.05 -30.83 3.36
N THR A 243 38.62 -32.03 3.71
CA THR A 243 38.88 -33.23 2.90
C THR A 243 37.56 -33.78 2.35
N TYR A 244 37.45 -33.79 1.03
CA TYR A 244 36.23 -34.27 0.38
C TYR A 244 36.17 -35.79 0.42
N LYS A 245 35.04 -36.34 -0.01
CA LYS A 245 34.82 -37.78 0.00
C LYS A 245 36.00 -38.50 -0.64
N ASP A 246 36.41 -38.02 -1.80
CA ASP A 246 37.35 -38.73 -2.67
C ASP A 246 38.79 -38.65 -2.15
N GLY A 247 39.01 -37.83 -1.13
CA GLY A 247 40.34 -37.65 -0.58
C GLY A 247 41.04 -36.40 -1.11
N VAL A 248 40.36 -35.69 -2.00
CA VAL A 248 40.85 -34.39 -2.46
C VAL A 248 40.75 -33.39 -1.33
N LYS A 249 41.67 -32.44 -1.29
CA LYS A 249 41.74 -31.48 -0.19
C LYS A 249 41.77 -30.05 -0.70
N MET A 250 40.91 -29.22 -0.12
CA MET A 250 40.82 -27.81 -0.50
C MET A 250 42.16 -27.13 -0.34
N THR A 251 42.53 -26.31 -1.31
CA THR A 251 43.76 -25.52 -1.22
C THR A 251 43.51 -24.36 -0.29
N ASP A 252 44.58 -23.77 0.26
CA ASP A 252 44.43 -22.72 1.25
C ASP A 252 43.84 -21.44 0.67
N GLN A 253 44.05 -21.21 -0.62
CA GLN A 253 43.39 -20.06 -1.27
C GLN A 253 41.89 -20.35 -1.40
N GLU A 254 41.57 -21.58 -1.75
CA GLU A 254 40.17 -22.01 -1.81
C GLU A 254 39.48 -21.86 -0.47
N ILE A 255 40.16 -22.25 0.61
CA ILE A 255 39.63 -22.09 1.95
C ILE A 255 39.40 -20.60 2.25
N ALA A 256 40.36 -19.79 1.83
CA ALA A 256 40.30 -18.35 2.04
C ALA A 256 39.13 -17.72 1.30
N ASN A 257 38.85 -18.24 0.10
CA ASN A 257 37.74 -17.74 -0.71
C ASN A 257 36.40 -18.12 -0.10
N LEU A 258 36.38 -19.26 0.58
CA LEU A 258 35.18 -19.74 1.26
C LEU A 258 34.86 -18.84 2.45
N LEU A 259 35.88 -18.44 3.18
CA LEU A 259 35.68 -17.53 4.30
C LEU A 259 35.09 -16.22 3.82
N ILE A 260 35.67 -15.68 2.77
CA ILE A 260 35.21 -14.42 2.22
C ILE A 260 33.76 -14.60 1.80
N GLY A 261 33.48 -15.74 1.16
CA GLY A 261 32.14 -16.00 0.69
C GLY A 261 31.18 -15.96 1.86
N ILE A 262 31.53 -16.69 2.92
CA ILE A 262 30.65 -16.82 4.07
C ILE A 262 30.55 -15.54 4.89
N LEU A 263 31.63 -14.78 4.96
CA LEU A 263 31.62 -13.53 5.72
C LEU A 263 30.66 -12.53 5.08
N MET A 264 30.84 -12.30 3.78
CA MET A 264 30.01 -11.35 3.05
C MET A 264 28.58 -11.87 2.91
N GLY A 265 28.45 -13.17 2.72
CA GLY A 265 27.15 -13.80 2.64
C GLY A 265 26.32 -13.55 3.89
N GLY A 266 26.90 -13.86 5.05
CA GLY A 266 26.22 -13.71 6.32
C GLY A 266 26.02 -12.27 6.73
N GLN A 267 26.98 -11.43 6.38
CA GLN A 267 27.00 -10.04 6.84
C GLN A 267 25.89 -9.21 6.23
N HIS A 268 25.63 -9.42 4.95
CA HIS A 268 24.61 -8.66 4.23
C HIS A 268 23.20 -8.97 4.73
N THR A 269 22.88 -10.25 4.88
CA THR A 269 21.54 -10.65 5.30
C THR A 269 21.25 -10.20 6.73
N SER A 270 22.21 -10.46 7.61
CA SER A 270 22.08 -10.13 9.02
C SER A 270 22.04 -8.63 9.22
N ALA A 271 22.71 -7.89 8.35
CA ALA A 271 22.74 -6.44 8.45
C ALA A 271 21.35 -5.86 8.19
N SER A 272 20.69 -6.38 7.16
CA SER A 272 19.36 -5.95 6.78
C SER A 272 18.41 -6.10 7.97
N THR A 273 18.35 -7.33 8.48
CA THR A 273 17.42 -7.72 9.53
C THR A 273 17.62 -6.87 10.79
N SER A 274 18.87 -6.54 11.10
CA SER A 274 19.16 -5.69 12.25
C SER A 274 18.77 -4.24 11.95
N ALA A 275 19.01 -3.82 10.72
CA ALA A 275 18.57 -2.50 10.27
C ALA A 275 17.05 -2.40 10.41
N TRP A 276 16.36 -3.43 9.92
CA TRP A 276 14.89 -3.42 9.88
C TRP A 276 14.23 -3.48 11.24
N PHE A 277 14.69 -4.35 12.14
CA PHE A 277 14.07 -4.41 13.46
C PHE A 277 14.45 -3.25 14.36
N LEU A 278 15.42 -2.45 13.92
CA LEU A 278 15.73 -1.20 14.61
C LEU A 278 14.76 -0.11 14.19
N LEU A 279 14.54 0.02 12.89
CA LEU A 279 13.60 1.00 12.36
C LEU A 279 12.17 0.66 12.77
N HIS A 280 11.83 -0.62 12.72
CA HIS A 280 10.49 -1.07 13.09
C HIS A 280 10.25 -0.98 14.60
N LEU A 281 11.23 -1.38 15.39
CA LEU A 281 11.17 -1.21 16.84
C LEU A 281 11.10 0.27 17.21
N GLY A 282 11.57 1.12 16.29
CA GLY A 282 11.58 2.57 16.50
C GLY A 282 10.23 3.24 16.27
N GLU A 283 9.42 2.66 15.40
CA GLU A 283 8.09 3.17 15.14
C GLU A 283 7.14 2.78 16.27
N LYS A 284 7.50 1.70 16.96
CA LYS A 284 6.71 1.18 18.06
C LYS A 284 7.59 0.95 19.29
N PRO A 285 8.00 2.04 19.96
CA PRO A 285 8.90 1.94 21.10
C PRO A 285 8.26 1.17 22.26
N HIS A 286 6.97 0.92 22.17
CA HIS A 286 6.26 0.12 23.16
C HIS A 286 6.86 -1.28 23.24
N LEU A 287 7.34 -1.75 22.11
CA LEU A 287 7.81 -3.14 21.98
C LEU A 287 9.20 -3.28 22.60
N GLN A 288 9.99 -2.22 22.49
CA GLN A 288 11.34 -2.20 23.06
C GLN A 288 11.28 -2.41 24.57
N ASP A 289 10.24 -1.83 25.19
CA ASP A 289 10.08 -1.91 26.64
C ASP A 289 9.60 -3.30 27.06
N VAL A 290 8.96 -4.01 26.13
CA VAL A 290 8.61 -5.40 26.36
C VAL A 290 9.86 -6.27 26.47
N ILE A 291 10.81 -6.05 25.55
CA ILE A 291 12.06 -6.80 25.53
C ILE A 291 12.93 -6.41 26.72
N TYR A 292 12.91 -5.12 27.07
CA TYR A 292 13.75 -4.62 28.15
C TYR A 292 13.33 -5.20 29.49
N GLN A 293 12.02 -5.23 29.73
CA GLN A 293 11.48 -5.77 30.98
C GLN A 293 11.79 -7.26 31.11
N GLU A 294 11.74 -7.97 29.98
CA GLU A 294 12.00 -9.41 29.95
C GLU A 294 13.46 -9.72 30.24
N VAL A 295 14.35 -8.88 29.74
CA VAL A 295 15.78 -9.09 29.89
C VAL A 295 16.25 -8.77 31.32
N VAL A 296 15.67 -7.73 31.91
CA VAL A 296 16.01 -7.35 33.28
C VAL A 296 15.48 -8.37 34.27
N GLU A 297 14.26 -8.85 34.05
CA GLU A 297 13.66 -9.88 34.91
C GLU A 297 14.49 -11.15 34.89
N LEU A 298 15.15 -11.41 33.76
CA LEU A 298 15.97 -12.61 33.62
C LEU A 298 17.27 -12.44 34.40
N LEU A 299 17.78 -11.20 34.44
CA LEU A 299 19.03 -10.90 35.13
C LEU A 299 18.90 -11.04 36.65
N LYS A 300 17.73 -10.67 37.15
CA LYS A 300 17.35 -10.84 38.56
C LYS A 300 17.76 -9.64 39.47
N GLU A 301 17.86 -9.84 40.79
CA GLU A 301 17.59 -8.77 41.79
C GLU A 301 18.39 -7.46 41.71
N LYS A 302 19.69 -7.51 41.45
CA LYS A 302 20.48 -6.28 41.45
C LYS A 302 21.64 -6.29 40.47
N GLY A 303 22.23 -5.11 40.29
CA GLY A 303 23.29 -4.96 39.30
C GLY A 303 22.45 -4.96 38.04
N GLY A 304 22.85 -4.21 37.03
CA GLY A 304 22.02 -4.13 35.84
C GLY A 304 21.78 -5.52 35.31
N ASP A 305 22.84 -6.31 35.28
CA ASP A 305 22.75 -7.73 34.99
C ASP A 305 23.39 -8.43 36.18
N LEU A 306 22.69 -9.39 36.78
CA LEU A 306 23.28 -10.11 37.89
C LEU A 306 24.47 -10.85 37.31
N ASN A 307 24.22 -11.45 36.14
CA ASN A 307 25.26 -12.11 35.38
C ASN A 307 25.11 -11.74 33.91
N ASP A 308 26.17 -11.24 33.31
CA ASP A 308 26.11 -10.87 31.89
C ASP A 308 25.43 -11.97 31.10
N LEU A 309 24.54 -11.54 30.21
CA LEU A 309 23.66 -12.39 29.43
C LEU A 309 24.42 -13.39 28.57
N THR A 310 23.96 -14.65 28.61
CA THR A 310 24.58 -15.74 27.88
C THR A 310 23.68 -16.29 26.77
N TYR A 311 24.22 -17.28 26.05
CA TYR A 311 23.51 -17.97 24.98
C TYR A 311 22.30 -18.74 25.51
N GLU A 312 22.50 -19.42 26.63
CA GLU A 312 21.42 -20.15 27.27
C GLU A 312 20.33 -19.17 27.63
N ASP A 313 20.74 -18.00 28.09
CA ASP A 313 19.80 -16.97 28.47
C ASP A 313 19.01 -16.50 27.25
N LEU A 314 19.70 -16.38 26.13
CA LEU A 314 19.07 -15.96 24.89
C LEU A 314 17.92 -16.91 24.58
N GLN A 315 18.04 -18.14 25.04
CA GLN A 315 16.96 -19.12 24.87
C GLN A 315 15.70 -18.73 25.64
N LYS A 316 15.89 -18.22 26.85
CA LYS A 316 14.83 -17.93 27.82
C LYS A 316 14.11 -16.63 27.48
N LEU A 317 14.40 -16.08 26.32
CA LEU A 317 13.82 -14.80 25.90
C LEU A 317 13.00 -14.95 24.63
N PRO A 318 11.72 -15.34 24.78
CA PRO A 318 10.86 -15.52 23.61
C PRO A 318 10.61 -14.23 22.83
N SER A 319 10.52 -13.12 23.54
CA SER A 319 10.17 -11.84 22.95
C SER A 319 11.27 -11.36 21.98
N VAL A 320 12.52 -11.55 22.39
CA VAL A 320 13.66 -11.23 21.53
C VAL A 320 13.61 -12.08 20.27
N ASN A 321 13.37 -13.37 20.45
CA ASN A 321 13.35 -14.31 19.34
C ASN A 321 12.14 -14.10 18.45
N ASN A 322 11.01 -13.76 19.06
CA ASN A 322 9.79 -13.49 18.31
C ASN A 322 9.94 -12.25 17.43
N THR A 323 10.74 -11.30 17.89
CA THR A 323 11.01 -10.08 17.15
C THR A 323 11.78 -10.38 15.87
N ILE A 324 12.77 -11.26 15.97
CA ILE A 324 13.57 -11.66 14.83
C ILE A 324 12.75 -12.40 13.78
N LYS A 325 11.79 -13.20 14.23
CA LYS A 325 10.91 -13.94 13.32
C LYS A 325 9.99 -13.01 12.55
N GLU A 326 9.61 -11.90 13.16
CA GLU A 326 8.65 -10.98 12.57
C GLU A 326 9.29 -10.14 11.47
N THR A 327 10.54 -9.75 11.68
CA THR A 327 11.26 -8.96 10.68
C THR A 327 11.63 -9.84 9.49
N LEU A 328 11.99 -11.09 9.77
CA LEU A 328 12.27 -12.06 8.71
C LEU A 328 11.00 -12.42 7.95
N ARG A 329 9.85 -12.26 8.60
CA ARG A 329 8.58 -12.42 7.90
C ARG A 329 8.30 -11.21 7.05
N MET A 330 8.42 -10.03 7.65
CA MET A 330 8.07 -8.79 6.99
C MET A 330 9.15 -8.36 6.00
N HIS A 331 10.41 -8.70 6.30
CA HIS A 331 11.48 -8.37 5.36
C HIS A 331 12.50 -9.50 5.21
N MET A 332 12.10 -10.57 4.53
CA MET A 332 13.05 -11.64 4.22
C MET A 332 14.12 -11.10 3.28
N PRO A 333 15.36 -10.97 3.79
CA PRO A 333 16.42 -10.28 3.05
C PRO A 333 16.53 -10.73 1.60
N LEU A 334 16.20 -12.00 1.35
CA LEU A 334 16.30 -12.56 0.00
C LEU A 334 14.92 -12.66 -0.64
N HIS A 335 14.57 -11.68 -1.46
CA HIS A 335 13.19 -11.60 -1.98
C HIS A 335 12.87 -12.63 -3.05
N SER A 336 13.89 -13.18 -3.69
CA SER A 336 13.67 -14.14 -4.76
C SER A 336 14.85 -15.10 -4.90
N ILE A 337 14.52 -16.38 -5.00
CA ILE A 337 15.51 -17.45 -5.06
C ILE A 337 15.42 -18.16 -6.41
N PHE A 338 16.57 -18.42 -7.05
CA PHE A 338 16.58 -19.03 -8.38
C PHE A 338 17.25 -20.38 -8.56
N ARG A 339 16.70 -21.07 -9.54
CA ARG A 339 17.19 -22.33 -10.06
C ARG A 339 17.11 -22.17 -11.57
N LYS A 340 18.20 -22.50 -12.25
CA LYS A 340 18.19 -22.46 -13.70
C LYS A 340 17.76 -23.87 -14.09
N VAL A 341 16.88 -23.94 -15.07
CA VAL A 341 16.32 -25.23 -15.47
C VAL A 341 17.23 -25.96 -16.44
N THR A 342 17.48 -27.23 -16.15
CA THR A 342 18.44 -28.02 -16.92
C THR A 342 17.75 -29.16 -17.68
N ASN A 343 16.52 -29.47 -17.25
CA ASN A 343 15.63 -30.35 -18.01
C ASN A 343 14.21 -29.81 -17.88
N PRO A 344 13.38 -30.05 -18.91
CA PRO A 344 12.00 -29.57 -18.88
C PRO A 344 11.31 -30.11 -17.65
N LEU A 345 10.52 -29.29 -16.97
CA LEU A 345 9.90 -29.76 -15.76
C LEU A 345 8.40 -29.75 -15.90
N ARG A 346 7.81 -30.82 -15.40
CA ARG A 346 6.39 -31.03 -15.54
C ARG A 346 5.70 -30.65 -14.23
N ILE A 347 5.31 -29.40 -14.09
CA ILE A 347 4.60 -29.03 -12.87
C ILE A 347 3.45 -30.01 -12.65
N PRO A 348 3.46 -30.73 -11.51
CA PRO A 348 2.36 -31.67 -11.39
C PRO A 348 1.04 -31.00 -11.04
N GLU A 349 -0.04 -31.76 -11.18
CA GLU A 349 -1.39 -31.24 -11.01
C GLU A 349 -1.49 -30.07 -11.98
N THR A 350 -0.81 -30.25 -13.11
CA THR A 350 -0.81 -29.27 -14.20
C THR A 350 -0.36 -29.87 -15.53
N ASN A 351 -0.67 -29.16 -16.61
CA ASN A 351 -0.36 -29.56 -17.98
C ASN A 351 0.79 -28.73 -18.55
N TYR A 352 1.75 -28.41 -17.69
CA TYR A 352 2.82 -27.48 -18.05
C TYR A 352 4.19 -28.12 -18.11
N ILE A 353 4.97 -27.68 -19.09
CA ILE A 353 6.38 -27.98 -19.15
C ILE A 353 7.16 -26.66 -19.13
N VAL A 354 8.16 -26.59 -18.27
CA VAL A 354 9.05 -25.43 -18.25
C VAL A 354 10.23 -25.71 -19.17
N PRO A 355 10.24 -25.07 -20.36
CA PRO A 355 11.33 -25.40 -21.28
C PRO A 355 12.65 -25.40 -20.53
N LYS A 356 13.63 -26.17 -21.00
CA LYS A 356 14.95 -26.11 -20.40
C LYS A 356 15.60 -24.78 -20.82
N GLY A 357 16.21 -24.10 -19.86
CA GLY A 357 16.82 -22.80 -20.14
C GLY A 357 16.10 -21.60 -19.57
N HIS A 358 14.90 -21.81 -19.04
CA HIS A 358 14.18 -20.76 -18.34
C HIS A 358 14.77 -20.62 -16.96
N TYR A 359 14.39 -19.54 -16.29
CA TYR A 359 14.81 -19.33 -14.92
C TYR A 359 13.63 -19.46 -13.99
N VAL A 360 13.83 -20.28 -12.98
CA VAL A 360 12.78 -20.56 -12.03
C VAL A 360 12.99 -19.73 -10.79
N LEU A 361 11.92 -19.02 -10.44
CA LEU A 361 11.93 -18.08 -9.34
C LEU A 361 10.94 -18.50 -8.26
N VAL A 362 11.45 -18.68 -7.05
CA VAL A 362 10.59 -18.90 -5.88
C VAL A 362 10.78 -17.78 -4.86
N SER A 363 9.68 -17.35 -4.26
CA SER A 363 9.73 -16.23 -3.32
C SER A 363 8.92 -16.48 -2.05
N PRO A 364 9.50 -17.17 -1.06
CA PRO A 364 8.78 -17.34 0.19
C PRO A 364 8.33 -16.00 0.78
N GLY A 365 9.08 -14.95 0.50
CA GLY A 365 8.79 -13.62 1.05
C GLY A 365 7.38 -13.17 0.70
N TYR A 366 6.91 -13.55 -0.48
CA TYR A 366 5.55 -13.23 -0.91
C TYR A 366 4.55 -13.77 0.08
N ALA A 367 4.55 -15.09 0.28
CA ALA A 367 3.66 -15.73 1.25
C ALA A 367 3.79 -15.07 2.62
N HIS A 368 5.00 -14.61 2.94
CA HIS A 368 5.26 -13.95 4.22
C HIS A 368 4.45 -12.66 4.30
N THR A 369 4.44 -11.93 3.18
CA THR A 369 3.77 -10.64 3.08
C THR A 369 2.30 -10.82 2.70
N SER A 370 1.93 -12.03 2.33
CA SER A 370 0.59 -12.31 1.79
C SER A 370 -0.50 -12.30 2.87
N GLU A 371 -1.64 -11.72 2.52
CA GLU A 371 -2.80 -11.70 3.40
C GLU A 371 -3.52 -13.04 3.33
N ARG A 372 -3.24 -13.79 2.27
CA ARG A 372 -3.79 -15.12 2.07
C ARG A 372 -3.23 -16.10 3.11
N TYR A 373 -2.13 -15.73 3.75
CA TYR A 373 -1.45 -16.65 4.66
C TYR A 373 -1.26 -16.07 6.05
N PHE A 374 -1.16 -14.75 6.14
CA PHE A 374 -1.13 -14.07 7.44
C PHE A 374 -2.15 -12.94 7.52
N ASP A 375 -2.91 -12.93 8.61
CA ASP A 375 -3.88 -11.86 8.88
C ASP A 375 -3.14 -10.56 9.21
N ASN A 376 -3.58 -9.44 8.63
CA ASN A 376 -2.89 -8.15 8.78
C ASN A 376 -1.39 -8.19 8.47
N PRO A 377 -1.02 -8.79 7.32
CA PRO A 377 0.36 -9.10 6.98
C PRO A 377 1.33 -7.92 7.04
N GLU A 378 0.81 -6.70 6.96
CA GLU A 378 1.67 -5.52 6.87
C GLU A 378 1.78 -4.78 8.20
N ASP A 379 1.29 -5.41 9.26
CA ASP A 379 1.46 -4.87 10.60
C ASP A 379 2.57 -5.61 11.34
N PHE A 380 3.51 -4.85 11.88
CA PHE A 380 4.59 -5.43 12.67
C PHE A 380 4.06 -5.84 14.03
N ASP A 381 3.76 -7.13 14.19
CA ASP A 381 3.20 -7.64 15.43
C ASP A 381 3.91 -8.92 15.82
N PRO A 382 4.92 -8.83 16.70
CA PRO A 382 5.61 -10.08 17.01
C PRO A 382 4.81 -10.98 17.93
N THR A 383 3.66 -10.50 18.40
CA THR A 383 2.87 -11.27 19.36
C THR A 383 2.19 -12.45 18.67
N ARG A 384 2.14 -12.40 17.34
CA ARG A 384 1.42 -13.40 16.57
C ARG A 384 2.08 -14.77 16.73
N TRP A 385 3.31 -14.77 17.20
CA TRP A 385 4.00 -16.02 17.52
C TRP A 385 3.69 -16.42 18.95
N ASP A 386 2.69 -17.28 19.10
CA ASP A 386 2.06 -17.54 20.38
C ASP A 386 2.87 -18.50 21.24
N THR A 387 3.69 -17.96 22.13
CA THR A 387 4.55 -18.76 22.98
C THR A 387 5.32 -19.79 22.14
N ALA A 388 5.66 -19.37 20.93
CA ALA A 388 6.38 -20.23 19.99
C ALA A 388 7.56 -19.47 19.39
N ALA A 389 8.71 -19.54 20.06
CA ALA A 389 9.86 -18.73 19.69
C ALA A 389 10.86 -19.50 18.82
N ALA A 390 10.54 -20.76 18.53
CA ALA A 390 11.44 -21.58 17.73
C ALA A 390 11.67 -20.93 16.37
N LYS A 391 12.93 -20.88 15.96
CA LYS A 391 13.32 -20.31 14.68
C LYS A 391 12.70 -21.12 13.55
N ALA A 392 12.78 -22.43 13.71
CA ALA A 392 12.23 -23.35 12.73
C ALA A 392 12.07 -24.77 13.26
N ASN A 393 11.12 -25.44 12.63
CA ASN A 393 10.79 -26.83 12.84
C ASN A 393 10.05 -27.05 11.54
N SER A 394 9.46 -28.23 11.36
CA SER A 394 8.63 -28.39 10.18
C SER A 394 7.40 -27.64 10.64
N VAL A 395 7.39 -26.35 10.36
CA VAL A 395 6.37 -25.47 10.88
C VAL A 395 5.17 -25.48 9.94
N SER A 396 5.29 -26.24 8.86
CA SER A 396 4.16 -26.47 7.96
C SER A 396 3.96 -27.92 7.53
N PHE A 397 3.07 -28.05 6.56
CA PHE A 397 2.43 -29.31 6.16
C PHE A 397 3.20 -30.20 5.20
N ASN A 398 2.47 -31.23 4.81
CA ASN A 398 2.96 -32.26 3.93
C ASN A 398 3.90 -33.09 4.78
N SER A 399 4.65 -33.96 4.12
CA SER A 399 5.60 -34.79 4.82
C SER A 399 6.75 -33.92 5.28
N SER A 400 7.14 -34.14 6.54
CA SER A 400 8.25 -33.40 7.10
C SER A 400 9.33 -34.34 7.58
N ASP A 401 9.39 -35.56 7.04
CA ASP A 401 10.42 -36.48 7.48
C ASP A 401 11.76 -35.91 7.01
N GLU A 402 12.85 -36.57 7.36
CA GLU A 402 14.18 -35.99 7.20
C GLU A 402 14.94 -36.52 5.99
N VAL A 403 15.95 -35.77 5.57
CA VAL A 403 16.81 -36.16 4.46
C VAL A 403 18.23 -35.60 4.61
N ASP A 404 19.21 -36.37 4.14
CA ASP A 404 20.62 -35.99 4.23
C ASP A 404 21.20 -35.78 2.83
N TYR A 405 21.63 -34.56 2.55
CA TYR A 405 22.18 -34.22 1.24
C TYR A 405 23.69 -34.16 1.29
N GLY A 406 24.26 -34.42 2.46
CA GLY A 406 25.70 -34.40 2.66
C GLY A 406 26.20 -33.41 3.70
N PHE A 407 25.28 -32.70 4.34
CA PHE A 407 25.67 -31.76 5.40
C PHE A 407 24.74 -31.84 6.62
N GLY A 408 24.10 -33.00 6.78
CA GLY A 408 23.25 -33.22 7.95
C GLY A 408 21.80 -33.35 7.56
N LYS A 409 21.03 -34.04 8.40
CA LYS A 409 19.64 -34.35 8.08
C LYS A 409 18.75 -33.14 8.25
N VAL A 410 17.82 -33.00 7.31
CA VAL A 410 17.09 -31.75 7.07
C VAL A 410 15.69 -32.12 6.62
N SER A 411 14.72 -31.24 6.87
CA SER A 411 13.32 -31.53 6.58
C SER A 411 13.08 -31.81 5.10
N LYS A 412 12.29 -32.84 4.83
CA LYS A 412 11.92 -33.21 3.47
C LYS A 412 10.86 -32.27 2.95
N GLY A 413 9.83 -32.05 3.76
CA GLY A 413 8.76 -31.12 3.44
C GLY A 413 9.18 -29.67 3.61
N VAL A 414 9.00 -28.90 2.53
CA VAL A 414 9.32 -27.48 2.53
C VAL A 414 8.05 -26.68 2.25
N SER A 415 6.90 -27.34 2.37
CA SER A 415 5.61 -26.76 2.01
C SER A 415 5.04 -25.94 3.16
N SER A 416 5.69 -24.83 3.46
CA SER A 416 5.24 -23.90 4.49
C SER A 416 5.24 -22.50 3.91
N PRO A 417 4.28 -21.67 4.33
CA PRO A 417 4.30 -20.29 3.86
C PRO A 417 5.52 -19.53 4.38
N TYR A 418 5.95 -19.90 5.58
CA TYR A 418 7.09 -19.25 6.21
C TYR A 418 8.34 -20.10 6.05
N LEU A 419 9.20 -19.66 5.12
CA LEU A 419 10.46 -20.34 4.85
C LEU A 419 11.55 -19.27 4.73
N PRO A 420 11.86 -18.57 5.85
CA PRO A 420 12.82 -17.50 5.63
C PRO A 420 14.21 -18.02 5.29
N PHE A 421 14.56 -19.22 5.76
CA PHE A 421 15.88 -19.76 5.49
C PHE A 421 15.89 -20.79 4.37
N GLY A 422 14.78 -20.86 3.65
CA GLY A 422 14.67 -21.78 2.52
C GLY A 422 14.46 -23.21 2.95
N GLY A 423 14.82 -24.13 2.06
CA GLY A 423 14.66 -25.54 2.32
C GLY A 423 15.36 -26.34 1.25
N GLY A 424 15.44 -27.65 1.45
CA GLY A 424 16.04 -28.51 0.45
C GLY A 424 17.54 -28.52 0.54
N ARG A 425 18.20 -28.86 -0.56
CA ARG A 425 19.64 -29.01 -0.52
C ARG A 425 20.40 -27.69 -0.33
N HIS A 426 19.88 -26.58 -0.84
CA HIS A 426 20.60 -25.32 -0.72
C HIS A 426 20.26 -24.57 0.53
N ARG A 427 19.56 -25.29 1.40
CA ARG A 427 19.09 -24.74 2.63
C ARG A 427 20.21 -23.98 3.32
N CYS A 428 19.82 -23.00 4.13
CA CYS A 428 20.77 -22.19 4.89
C CYS A 428 21.33 -22.97 6.07
N ILE A 429 22.63 -22.82 6.28
CA ILE A 429 23.30 -23.44 7.42
C ILE A 429 23.50 -22.44 8.55
N GLY A 430 23.28 -21.17 8.25
CA GLY A 430 23.58 -20.10 9.19
C GLY A 430 22.43 -19.67 10.08
N GLU A 431 21.29 -20.36 9.96
CA GLU A 431 20.09 -19.95 10.68
C GLU A 431 20.34 -19.66 12.15
N GLN A 432 21.02 -20.57 12.84
CA GLN A 432 21.16 -20.47 14.29
C GLN A 432 22.25 -19.49 14.69
N PHE A 433 23.26 -19.32 13.83
CA PHE A 433 24.28 -18.31 14.06
C PHE A 433 23.68 -16.91 13.98
N ALA A 434 22.68 -16.76 13.12
CA ALA A 434 22.03 -15.47 12.93
C ALA A 434 21.20 -15.08 14.15
N TYR A 435 20.34 -15.98 14.60
CA TYR A 435 19.52 -15.73 15.78
C TYR A 435 20.38 -15.40 17.00
N VAL A 436 21.56 -16.00 17.06
CA VAL A 436 22.49 -15.71 18.15
C VAL A 436 23.05 -14.30 17.99
N GLN A 437 23.71 -14.08 16.86
CA GLN A 437 24.28 -12.79 16.52
C GLN A 437 23.25 -11.65 16.64
N LEU A 438 22.10 -11.84 16.00
CA LEU A 438 21.07 -10.81 16.02
C LEU A 438 20.47 -10.66 17.41
N GLY A 439 20.27 -11.80 18.07
CA GLY A 439 19.80 -11.81 19.45
C GLY A 439 20.67 -10.96 20.37
N THR A 440 21.98 -11.08 20.20
CA THR A 440 22.93 -10.37 21.04
C THR A 440 22.97 -8.89 20.70
N ILE A 441 22.82 -8.59 19.42
CA ILE A 441 22.74 -7.20 18.96
C ILE A 441 21.50 -6.53 19.53
N LEU A 442 20.37 -7.25 19.49
CA LEU A 442 19.10 -6.72 19.96
C LEU A 442 19.11 -6.46 21.47
N THR A 443 19.53 -7.46 22.23
CA THR A 443 19.49 -7.37 23.69
C THR A 443 20.48 -6.33 24.20
N THR A 444 21.63 -6.22 23.53
CA THR A 444 22.62 -5.21 23.87
C THR A 444 22.09 -3.82 23.55
N PHE A 445 21.24 -3.72 22.54
CA PHE A 445 20.73 -2.43 22.09
C PHE A 445 19.68 -1.85 23.03
N VAL A 446 18.71 -2.66 23.44
CA VAL A 446 17.62 -2.15 24.28
C VAL A 446 18.09 -1.88 25.71
N TYR A 447 19.10 -2.62 26.15
CA TYR A 447 19.58 -2.54 27.53
C TYR A 447 20.27 -1.20 27.79
N ASN A 448 20.78 -0.58 26.72
CA ASN A 448 21.58 0.63 26.83
C ASN A 448 20.91 1.85 26.21
N LEU A 449 20.05 1.62 25.22
CA LEU A 449 19.44 2.71 24.48
C LEU A 449 17.92 2.53 24.35
N ARG A 450 17.21 3.66 24.25
CA ARG A 450 15.84 3.65 23.78
C ARG A 450 15.69 4.62 22.60
N TRP A 451 15.36 4.08 21.43
CA TRP A 451 15.31 4.90 20.21
C TRP A 451 13.90 5.13 19.68
N THR A 452 13.78 6.06 18.73
CA THR A 452 12.48 6.49 18.19
C THR A 452 12.64 6.94 16.71
N ILE A 453 11.55 7.31 16.02
CA ILE A 453 11.57 7.35 14.53
C ILE A 453 11.15 8.65 13.78
N ASP A 454 11.22 9.79 14.46
CA ASP A 454 11.26 11.11 13.80
C ASP A 454 9.95 11.65 13.19
N GLY A 455 8.81 11.49 13.86
CA GLY A 455 7.57 12.08 13.37
C GLY A 455 7.19 11.40 12.08
N TYR A 456 7.47 10.11 12.04
CA TYR A 456 7.27 9.31 10.85
C TYR A 456 7.19 7.82 11.11
N LYS A 457 7.01 7.09 10.02
CA LYS A 457 6.93 5.64 10.05
C LYS A 457 7.92 5.03 9.06
N VAL A 458 8.09 3.72 9.14
CA VAL A 458 9.20 3.03 8.48
C VAL A 458 9.31 3.38 7.00
N PRO A 459 10.54 3.69 6.55
CA PRO A 459 10.77 4.00 5.13
C PRO A 459 10.40 2.84 4.21
N ASP A 460 10.09 3.17 2.96
CA ASP A 460 9.84 2.15 1.94
C ASP A 460 11.10 1.36 1.68
N PRO A 461 10.97 0.02 1.54
CA PRO A 461 12.12 -0.80 1.22
C PRO A 461 12.61 -0.62 -0.22
N ASP A 462 13.91 -0.81 -0.39
CA ASP A 462 14.53 -0.84 -1.71
C ASP A 462 14.83 -2.28 -2.08
N TYR A 463 14.31 -2.73 -3.22
CA TYR A 463 14.44 -4.13 -3.64
C TYR A 463 15.48 -4.30 -4.74
N SER A 464 16.21 -3.23 -5.05
CA SER A 464 17.06 -3.21 -6.24
C SER A 464 18.44 -3.80 -5.98
N SER A 465 18.68 -4.26 -4.75
CA SER A 465 19.98 -4.81 -4.38
C SER A 465 19.87 -6.24 -3.90
N MET A 466 20.97 -6.77 -3.37
CA MET A 466 21.04 -8.16 -2.96
C MET A 466 19.99 -8.44 -1.90
N VAL A 467 20.01 -7.65 -0.84
CA VAL A 467 19.06 -7.79 0.26
C VAL A 467 18.10 -6.61 0.29
N VAL A 468 16.92 -6.84 0.86
CA VAL A 468 15.91 -5.80 0.98
C VAL A 468 16.32 -4.80 2.05
N LEU A 469 16.74 -3.62 1.63
CA LEU A 469 17.21 -2.58 2.54
C LEU A 469 16.29 -1.36 2.56
N PRO A 470 16.38 -0.56 3.63
CA PRO A 470 15.64 0.70 3.78
C PRO A 470 16.15 1.87 2.93
N THR A 471 15.31 2.88 2.82
CA THR A 471 15.55 4.10 2.03
C THR A 471 16.65 4.99 2.61
N GLU A 472 17.10 5.96 1.82
CA GLU A 472 18.27 6.76 2.17
C GLU A 472 18.26 7.47 3.53
N PRO A 473 17.17 8.17 3.89
CA PRO A 473 17.25 8.79 5.20
C PRO A 473 16.73 7.86 6.28
N ALA A 474 17.41 6.74 6.44
CA ALA A 474 17.04 5.73 7.42
C ALA A 474 17.89 5.88 8.67
N GLU A 475 17.29 6.40 9.74
CA GLU A 475 18.03 6.68 10.96
C GLU A 475 17.12 6.62 12.19
N ILE A 476 17.68 6.14 13.29
CA ILE A 476 16.98 6.13 14.57
C ILE A 476 17.59 7.17 15.51
N ILE A 477 16.74 7.85 16.26
CA ILE A 477 17.20 8.82 17.26
C ILE A 477 17.18 8.18 18.64
N TRP A 478 18.36 7.99 19.23
CA TRP A 478 18.47 7.27 20.49
C TRP A 478 18.61 8.17 21.72
N GLU A 479 18.16 7.65 22.85
CA GLU A 479 18.42 8.21 24.16
C GLU A 479 19.03 7.09 24.98
N LYS A 480 19.45 7.39 26.21
CA LYS A 480 20.04 6.35 27.06
C LYS A 480 19.06 5.89 28.15
N ARG A 481 18.95 4.57 28.30
CA ARG A 481 18.12 3.99 29.36
C ARG A 481 18.81 4.13 30.71
N GLU A 482 20.14 4.26 30.65
CA GLU A 482 20.95 4.53 31.82
C GLU A 482 22.09 5.46 31.41
N THR A 483 22.16 6.64 32.03
CA THR A 483 22.97 7.72 31.49
C THR A 483 24.44 7.72 31.92
N CYS A 484 24.75 7.11 33.06
CA CYS A 484 26.06 7.30 33.68
C CYS A 484 27.11 6.23 33.37
N MET A 485 26.70 5.10 32.78
CA MET A 485 27.62 3.98 32.62
C MET A 485 28.76 4.31 31.67
N PHE A 486 29.96 3.84 32.02
CA PHE A 486 31.13 3.95 31.14
C PHE A 486 31.70 2.57 30.85
N LYS B 4 7.68 19.13 -27.87
CA LYS B 4 6.61 20.14 -27.70
C LYS B 4 5.25 19.47 -27.49
N THR B 5 5.31 18.16 -27.23
CA THR B 5 4.14 17.40 -26.79
C THR B 5 4.48 16.71 -25.49
N PRO B 6 3.50 16.58 -24.58
CA PRO B 6 3.84 15.95 -23.30
C PRO B 6 4.26 14.50 -23.51
N PRO B 7 5.21 14.02 -22.69
CA PRO B 7 5.69 12.66 -22.83
C PRO B 7 4.53 11.69 -22.78
N LEU B 8 4.52 10.73 -23.69
CA LEU B 8 3.42 9.78 -23.79
C LEU B 8 3.85 8.41 -23.26
N VAL B 9 3.04 7.82 -22.40
CA VAL B 9 3.39 6.53 -21.80
C VAL B 9 3.39 5.39 -22.80
N PHE B 10 4.31 4.46 -22.61
CA PHE B 10 4.40 3.33 -23.51
C PHE B 10 3.33 2.27 -23.22
N TYR B 11 3.05 1.51 -24.26
CA TYR B 11 2.05 0.45 -24.25
C TYR B 11 2.19 -0.28 -25.59
N TRP B 12 1.82 -1.55 -25.62
CA TRP B 12 1.91 -2.32 -26.86
C TRP B 12 0.53 -2.62 -27.44
N ILE B 13 -0.35 -3.15 -26.59
CA ILE B 13 -1.73 -3.39 -27.01
C ILE B 13 -2.34 -2.08 -27.52
N PRO B 14 -2.81 -2.06 -28.79
CA PRO B 14 -3.03 -0.78 -29.52
C PRO B 14 -4.07 0.27 -29.06
N TRP B 15 -5.32 -0.12 -28.81
CA TRP B 15 -6.39 0.84 -28.57
C TRP B 15 -6.88 0.65 -27.13
N PHE B 16 -6.11 -0.12 -26.37
CA PHE B 16 -6.45 -0.41 -24.98
C PHE B 16 -5.52 0.43 -24.11
N GLY B 17 -4.28 0.57 -24.58
CA GLY B 17 -3.30 1.42 -23.92
C GLY B 17 -3.10 1.07 -22.46
N SER B 18 -2.94 2.09 -21.62
CA SER B 18 -2.67 1.91 -20.20
C SER B 18 -3.95 1.69 -19.40
N ALA B 19 -5.02 1.33 -20.10
CA ALA B 19 -6.35 1.23 -19.49
C ALA B 19 -6.32 0.34 -18.25
N ALA B 20 -5.59 -0.76 -18.32
CA ALA B 20 -5.59 -1.75 -17.25
C ALA B 20 -5.02 -1.18 -15.95
N SER B 21 -3.79 -0.70 -16.01
CA SER B 21 -3.11 -0.21 -14.81
C SER B 21 -3.85 0.98 -14.21
N TYR B 22 -4.18 1.96 -15.05
CA TYR B 22 -4.89 3.13 -14.56
C TYR B 22 -6.31 2.79 -14.12
N GLY B 23 -7.00 1.98 -14.92
CA GLY B 23 -8.40 1.67 -14.65
C GLY B 23 -8.67 1.09 -13.28
N GLN B 24 -7.67 0.44 -12.70
CA GLN B 24 -7.88 -0.25 -11.42
C GLN B 24 -7.13 0.28 -10.21
N GLN B 25 -6.15 1.16 -10.43
CA GLN B 25 -5.52 1.84 -9.30
C GLN B 25 -4.90 3.14 -9.79
N PRO B 26 -5.75 4.14 -10.07
CA PRO B 26 -5.18 5.32 -10.72
C PRO B 26 -4.16 6.14 -9.94
N TYR B 27 -4.35 6.32 -8.64
CA TYR B 27 -3.49 7.25 -7.89
C TYR B 27 -2.03 6.82 -7.89
N GLU B 28 -1.78 5.53 -7.70
CA GLU B 28 -0.42 5.01 -7.75
C GLU B 28 0.09 5.00 -9.19
N PHE B 29 -0.81 4.72 -10.13
CA PHE B 29 -0.47 4.81 -11.54
C PHE B 29 0.02 6.22 -11.87
N PHE B 30 -0.73 7.22 -11.41
CA PHE B 30 -0.35 8.61 -11.62
C PHE B 30 1.00 8.89 -10.96
N GLU B 31 1.24 8.22 -9.84
CA GLU B 31 2.50 8.39 -9.11
C GLU B 31 3.67 7.73 -9.84
N SER B 32 3.39 6.64 -10.56
CA SER B 32 4.41 5.97 -11.35
C SER B 32 4.90 6.90 -12.47
N CYS B 33 3.95 7.51 -13.15
CA CYS B 33 4.25 8.36 -14.31
C CYS B 33 4.97 9.63 -13.89
N ARG B 34 4.69 10.10 -12.67
CA ARG B 34 5.35 11.30 -12.17
C ARG B 34 6.84 11.06 -11.95
N GLN B 35 7.18 9.83 -11.54
CA GLN B 35 8.57 9.48 -11.27
C GLN B 35 9.40 9.50 -12.55
N LYS B 36 8.77 9.22 -13.68
CA LYS B 36 9.48 9.05 -14.94
C LYS B 36 9.40 10.31 -15.81
N TYR B 37 8.24 10.97 -15.81
CA TYR B 37 7.97 12.02 -16.77
C TYR B 37 7.65 13.37 -16.14
N GLY B 38 7.33 13.37 -14.84
CA GLY B 38 6.99 14.61 -14.15
C GLY B 38 5.48 14.76 -14.00
N ASP B 39 5.05 15.98 -13.67
CA ASP B 39 3.65 16.23 -13.37
C ASP B 39 2.76 16.22 -14.61
N VAL B 40 3.31 16.64 -15.74
CA VAL B 40 2.56 16.61 -16.99
C VAL B 40 3.04 15.45 -17.84
N PHE B 41 2.08 14.66 -18.32
CA PHE B 41 2.38 13.52 -19.17
C PHE B 41 1.10 13.00 -19.81
N SER B 42 1.24 12.41 -20.99
CA SER B 42 0.10 11.82 -21.67
C SER B 42 0.05 10.31 -21.43
N PHE B 43 -1.11 9.73 -21.71
CA PHE B 43 -1.29 8.28 -21.68
C PHE B 43 -2.60 7.96 -22.37
N MET B 44 -2.62 6.90 -23.17
CA MET B 44 -3.80 6.61 -23.98
C MET B 44 -4.73 5.62 -23.29
N LEU B 45 -6.02 5.76 -23.58
CA LEU B 45 -7.07 5.02 -22.88
C LEU B 45 -8.21 4.68 -23.84
N LEU B 46 -8.23 3.43 -24.30
CA LEU B 46 -9.35 2.93 -25.11
C LEU B 46 -9.56 3.85 -26.32
N GLY B 47 -8.46 4.15 -27.02
CA GLY B 47 -8.51 4.91 -28.25
C GLY B 47 -8.43 6.42 -28.08
N LYS B 48 -8.38 6.87 -26.84
CA LYS B 48 -8.33 8.31 -26.54
C LYS B 48 -7.05 8.69 -25.80
N ILE B 49 -6.37 9.71 -26.30
CA ILE B 49 -5.15 10.21 -25.66
C ILE B 49 -5.50 11.12 -24.49
N MET B 50 -4.80 10.92 -23.38
CA MET B 50 -5.12 11.67 -22.17
C MET B 50 -3.90 12.40 -21.60
N THR B 51 -4.06 13.72 -21.46
CA THR B 51 -3.02 14.52 -20.82
C THR B 51 -3.37 14.78 -19.37
N VAL B 52 -2.43 14.47 -18.49
CA VAL B 52 -2.60 14.67 -17.06
C VAL B 52 -1.78 15.87 -16.60
N TYR B 53 -2.33 16.60 -15.63
CA TYR B 53 -1.57 17.61 -14.91
C TYR B 53 -1.82 17.37 -13.42
N LEU B 54 -0.76 17.00 -12.71
CA LEU B 54 -0.87 16.71 -11.29
C LEU B 54 -0.68 17.96 -10.42
N GLY B 55 -1.27 17.94 -9.24
CA GLY B 55 -1.08 19.00 -8.25
C GLY B 55 -1.83 20.28 -8.57
N PRO B 56 -1.66 21.30 -7.70
CA PRO B 56 -2.30 22.60 -7.81
C PRO B 56 -2.17 23.24 -9.19
N LYS B 57 -0.96 23.29 -9.71
CA LYS B 57 -0.72 23.87 -11.03
C LYS B 57 -1.61 23.21 -12.07
N GLY B 58 -1.89 21.93 -11.88
CA GLY B 58 -2.74 21.17 -12.79
C GLY B 58 -4.21 21.41 -12.56
N HIS B 59 -4.54 21.85 -11.35
CA HIS B 59 -5.93 22.21 -11.03
C HIS B 59 -6.28 23.53 -11.72
N GLU B 60 -5.37 24.49 -11.59
CA GLU B 60 -5.54 25.82 -12.19
C GLU B 60 -5.77 25.74 -13.70
N PHE B 61 -4.89 24.99 -14.36
CA PHE B 61 -4.88 24.91 -15.81
C PHE B 61 -6.16 24.31 -16.39
N VAL B 62 -6.78 23.38 -15.67
CA VAL B 62 -7.97 22.69 -16.18
C VAL B 62 -9.27 23.39 -15.79
N PHE B 63 -9.45 23.65 -14.50
CA PHE B 63 -10.69 24.25 -14.02
C PHE B 63 -10.90 25.65 -14.57
N ASN B 64 -9.80 26.35 -14.81
CA ASN B 64 -9.85 27.75 -15.24
C ASN B 64 -9.50 27.94 -16.71
N ALA B 65 -9.61 26.86 -17.47
CA ALA B 65 -9.41 26.93 -18.92
C ALA B 65 -10.58 27.65 -19.57
N LYS B 66 -10.30 28.40 -20.63
CA LYS B 66 -11.35 29.18 -21.31
C LYS B 66 -12.31 28.27 -22.08
N LEU B 67 -13.52 28.76 -22.31
CA LEU B 67 -14.51 28.06 -23.13
C LEU B 67 -13.97 27.79 -24.54
N SER B 68 -13.00 28.61 -24.94
CA SER B 68 -12.45 28.56 -26.30
C SER B 68 -11.48 27.39 -26.47
N ASP B 69 -10.81 27.02 -25.38
CA ASP B 69 -9.73 26.04 -25.44
C ASP B 69 -10.09 24.70 -24.78
N VAL B 70 -11.17 24.69 -24.01
CA VAL B 70 -11.59 23.47 -23.33
C VAL B 70 -13.11 23.29 -23.33
N SER B 71 -13.56 22.05 -23.41
CA SER B 71 -14.98 21.75 -23.49
C SER B 71 -15.36 20.52 -22.65
N ALA B 72 -16.21 20.74 -21.65
CA ALA B 72 -16.64 19.65 -20.78
C ALA B 72 -17.82 18.88 -21.37
N GLU B 73 -18.56 19.50 -22.28
CA GLU B 73 -19.75 18.87 -22.84
C GLU B 73 -19.36 17.65 -23.68
N GLU B 74 -18.40 17.84 -24.58
CA GLU B 74 -17.95 16.76 -25.46
C GLU B 74 -17.38 15.57 -24.70
N ALA B 75 -16.89 15.81 -23.49
CA ALA B 75 -16.25 14.76 -22.69
C ALA B 75 -17.26 13.86 -21.98
N TYR B 76 -18.33 14.42 -21.42
CA TYR B 76 -19.31 13.61 -20.73
C TYR B 76 -20.62 13.41 -21.46
N LYS B 77 -20.77 14.07 -22.59
CA LYS B 77 -22.05 14.05 -23.30
C LYS B 77 -22.64 12.66 -23.49
N HIS B 78 -21.79 11.66 -23.72
CA HIS B 78 -22.26 10.31 -23.98
C HIS B 78 -22.50 9.52 -22.69
N LEU B 79 -21.94 10.00 -21.59
CA LEU B 79 -22.09 9.35 -20.30
C LEU B 79 -23.44 9.67 -19.67
N THR B 80 -23.89 10.90 -19.84
CA THR B 80 -25.02 11.43 -19.08
C THR B 80 -26.31 11.43 -19.89
N THR B 81 -26.26 11.98 -21.10
CA THR B 81 -27.45 12.21 -21.91
C THR B 81 -28.39 11.02 -21.97
N PRO B 82 -27.89 9.83 -22.32
CA PRO B 82 -28.78 8.68 -22.48
C PRO B 82 -29.43 8.26 -21.17
N VAL B 83 -28.90 8.76 -20.06
CA VAL B 83 -29.39 8.40 -18.74
C VAL B 83 -30.39 9.42 -18.23
N PHE B 84 -30.01 10.69 -18.25
CA PHE B 84 -30.83 11.75 -17.70
C PHE B 84 -31.86 12.22 -18.72
N GLY B 85 -31.40 12.51 -19.94
CA GLY B 85 -32.30 12.95 -20.99
C GLY B 85 -31.70 14.06 -21.85
N THR B 86 -32.45 14.48 -22.86
CA THR B 86 -31.97 15.46 -23.81
C THR B 86 -32.33 16.88 -23.37
N GLY B 87 -31.58 17.86 -23.87
CA GLY B 87 -31.91 19.27 -23.69
C GLY B 87 -31.24 19.97 -22.51
N VAL B 88 -30.64 19.19 -21.62
CA VAL B 88 -30.11 19.76 -20.38
C VAL B 88 -28.74 19.22 -20.00
N ILE B 89 -28.04 19.81 -19.03
CA ILE B 89 -26.78 19.23 -18.52
C ILE B 89 -25.69 18.65 -19.45
N TYR B 90 -25.06 19.40 -20.32
CA TYR B 90 -24.06 18.84 -21.26
C TYR B 90 -24.77 18.37 -22.49
N ASP B 91 -26.10 18.46 -22.55
CA ASP B 91 -26.73 18.17 -23.85
C ASP B 91 -27.19 19.52 -24.38
N CYS B 92 -26.45 20.56 -24.05
CA CYS B 92 -26.80 21.92 -24.44
C CYS B 92 -25.58 22.85 -24.32
N PRO B 93 -25.66 24.05 -24.93
CA PRO B 93 -24.55 24.98 -24.77
C PRO B 93 -24.21 25.22 -23.31
N ASN B 94 -22.94 25.47 -23.03
CA ASN B 94 -22.48 25.71 -21.67
C ASN B 94 -23.35 26.76 -20.98
N SER B 95 -23.76 27.77 -21.74
CA SER B 95 -24.51 28.89 -21.18
C SER B 95 -25.89 28.46 -20.69
N ARG B 96 -26.42 27.38 -21.26
CA ARG B 96 -27.67 26.79 -20.78
C ARG B 96 -27.41 26.03 -19.48
N LEU B 97 -26.26 25.35 -19.43
CA LEU B 97 -25.83 24.65 -18.22
C LEU B 97 -25.61 25.64 -17.08
N MET B 98 -24.97 26.76 -17.38
CA MET B 98 -24.69 27.78 -16.38
C MET B 98 -26.00 28.26 -15.73
N GLU B 99 -27.05 28.37 -16.53
CA GLU B 99 -28.32 28.90 -16.05
C GLU B 99 -29.15 27.83 -15.36
N GLN B 100 -29.01 26.58 -15.79
CA GLN B 100 -29.65 25.46 -15.10
C GLN B 100 -29.11 25.34 -13.68
N LYS B 101 -27.84 25.72 -13.52
CA LYS B 101 -27.20 25.70 -12.21
C LYS B 101 -27.74 26.82 -11.32
N LYS B 102 -28.15 27.91 -11.94
CA LYS B 102 -28.71 29.04 -11.21
C LYS B 102 -30.13 28.74 -10.74
N PHE B 103 -30.91 28.12 -11.61
CA PHE B 103 -32.29 27.77 -11.29
C PHE B 103 -32.29 26.85 -10.06
N ALA B 104 -31.52 25.78 -10.15
CA ALA B 104 -31.46 24.76 -9.11
C ALA B 104 -31.03 25.34 -7.77
N LYS B 105 -30.15 26.34 -7.81
CA LYS B 105 -29.60 26.92 -6.58
C LYS B 105 -30.68 27.57 -5.71
N PHE B 106 -31.79 27.96 -6.31
CA PHE B 106 -32.87 28.59 -5.55
C PHE B 106 -33.50 27.61 -4.57
N ALA B 107 -33.27 26.31 -4.79
CA ALA B 107 -33.75 25.29 -3.88
C ALA B 107 -32.63 24.81 -2.95
N LEU B 108 -31.48 25.45 -3.02
CA LEU B 108 -30.35 25.10 -2.17
C LEU B 108 -29.86 26.34 -1.41
N THR B 109 -30.69 26.80 -0.49
CA THR B 109 -30.36 27.96 0.34
C THR B 109 -30.58 27.58 1.80
N THR B 110 -30.25 28.49 2.70
CA THR B 110 -30.30 28.20 4.12
C THR B 110 -31.72 27.89 4.60
N ASP B 111 -32.69 28.62 4.07
CA ASP B 111 -34.08 28.44 4.48
C ASP B 111 -34.64 27.12 3.94
N SER B 112 -34.11 26.67 2.82
CA SER B 112 -34.43 25.36 2.29
C SER B 112 -33.83 24.26 3.16
N PHE B 113 -32.58 24.47 3.58
CA PHE B 113 -31.84 23.47 4.33
C PHE B 113 -32.46 23.26 5.70
N LYS B 114 -32.91 24.36 6.32
CA LYS B 114 -33.46 24.33 7.67
C LYS B 114 -34.58 23.31 7.77
N ARG B 115 -35.41 23.25 6.74
CA ARG B 115 -36.54 22.34 6.72
C ARG B 115 -36.19 20.98 6.11
N TYR B 116 -35.16 20.92 5.28
CA TYR B 116 -34.73 19.63 4.74
C TYR B 116 -34.32 18.67 5.86
N VAL B 117 -33.63 19.20 6.87
CA VAL B 117 -33.01 18.35 7.89
C VAL B 117 -33.99 17.39 8.55
N PRO B 118 -35.08 17.92 9.14
CA PRO B 118 -36.05 17.02 9.79
C PRO B 118 -36.61 15.99 8.81
N LYS B 119 -36.89 16.41 7.59
CA LYS B 119 -37.28 15.48 6.54
C LYS B 119 -36.24 14.38 6.45
N ILE B 120 -35.01 14.78 6.13
CA ILE B 120 -33.91 13.84 5.98
C ILE B 120 -33.84 12.87 7.15
N ARG B 121 -33.99 13.40 8.36
CA ARG B 121 -33.94 12.55 9.55
C ARG B 121 -35.15 11.62 9.61
N GLU B 122 -36.32 12.15 9.26
CA GLU B 122 -37.57 11.40 9.36
C GLU B 122 -37.54 10.16 8.46
N GLU B 123 -36.87 10.28 7.32
CA GLU B 123 -36.72 9.14 6.41
C GLU B 123 -35.70 8.13 6.94
N ILE B 124 -34.62 8.61 7.54
CA ILE B 124 -33.63 7.72 8.12
C ILE B 124 -34.28 6.83 9.18
N LEU B 125 -35.05 7.46 10.06
CA LEU B 125 -35.74 6.74 11.12
C LEU B 125 -36.71 5.72 10.53
N ASN B 126 -37.41 6.11 9.47
CA ASN B 126 -38.29 5.20 8.76
C ASN B 126 -37.53 3.95 8.34
N TYR B 127 -36.38 4.15 7.70
CA TYR B 127 -35.56 3.04 7.24
C TYR B 127 -35.16 2.13 8.39
N PHE B 128 -34.81 2.71 9.53
CA PHE B 128 -34.35 1.93 10.67
C PHE B 128 -35.39 0.91 11.13
N VAL B 129 -36.67 1.25 11.01
CA VAL B 129 -37.73 0.32 11.45
C VAL B 129 -38.39 -0.46 10.32
N THR B 130 -38.75 0.22 9.23
CA THR B 130 -39.51 -0.43 8.17
C THR B 130 -38.61 -1.28 7.30
N ASP B 131 -37.31 -1.23 7.59
CA ASP B 131 -36.34 -1.98 6.81
C ASP B 131 -35.70 -3.19 7.49
N GLU B 132 -35.41 -4.15 6.61
CA GLU B 132 -34.98 -5.50 6.94
C GLU B 132 -33.64 -5.59 7.67
N SER B 133 -32.69 -4.74 7.27
CA SER B 133 -31.35 -4.78 7.84
C SER B 133 -31.29 -4.25 9.27
N PHE B 134 -32.31 -3.49 9.64
CA PHE B 134 -32.35 -2.91 10.98
C PHE B 134 -33.55 -3.42 11.76
N LYS B 135 -34.75 -3.12 11.25
CA LYS B 135 -35.95 -3.52 11.95
C LYS B 135 -35.80 -3.32 13.45
N LEU B 136 -35.32 -2.12 13.81
CA LEU B 136 -34.86 -1.82 15.16
C LEU B 136 -35.80 -2.29 16.28
N LYS B 137 -37.11 -2.32 16.04
CA LYS B 137 -38.08 -2.72 17.07
C LYS B 137 -37.91 -4.17 17.56
N GLU B 138 -37.52 -5.06 16.67
CA GLU B 138 -37.46 -6.49 16.97
C GLU B 138 -36.04 -6.94 17.28
N LYS B 139 -35.08 -6.40 16.54
CA LYS B 139 -33.73 -6.92 16.62
C LYS B 139 -32.63 -5.96 17.04
N THR B 140 -31.59 -6.54 17.59
CA THR B 140 -30.42 -5.80 18.04
C THR B 140 -29.19 -6.24 17.23
N HIS B 141 -29.45 -6.88 16.08
CA HIS B 141 -28.38 -7.48 15.28
C HIS B 141 -27.64 -6.58 14.31
N GLY B 142 -26.35 -6.85 14.20
CA GLY B 142 -25.50 -6.17 13.23
C GLY B 142 -25.65 -6.84 11.88
N VAL B 143 -26.76 -6.57 11.20
CA VAL B 143 -27.04 -7.22 9.93
C VAL B 143 -26.94 -6.35 8.67
N ALA B 144 -26.10 -5.32 8.64
CA ALA B 144 -26.07 -4.41 7.49
C ALA B 144 -24.87 -4.42 6.51
N ASN B 145 -25.22 -4.21 5.24
CA ASN B 145 -24.32 -4.10 4.09
C ASN B 145 -24.38 -2.68 3.54
N VAL B 146 -23.44 -1.83 3.96
CA VAL B 146 -23.48 -0.41 3.62
C VAL B 146 -23.72 -0.20 2.13
N MET B 147 -23.43 -1.23 1.34
CA MET B 147 -23.55 -1.12 -0.10
C MET B 147 -24.98 -1.27 -0.60
N LYS B 148 -25.84 -1.69 0.31
CA LYS B 148 -27.28 -1.73 0.06
C LYS B 148 -27.95 -0.54 0.76
N THR B 149 -27.64 -0.39 2.04
CA THR B 149 -28.32 0.60 2.88
C THR B 149 -28.13 2.03 2.39
N GLN B 150 -26.88 2.43 2.17
CA GLN B 150 -26.58 3.85 1.93
C GLN B 150 -27.15 4.34 0.60
N PRO B 151 -27.05 3.53 -0.46
CA PRO B 151 -27.69 3.93 -1.70
C PRO B 151 -29.20 4.09 -1.55
N GLU B 152 -29.82 3.22 -0.77
CA GLU B 152 -31.27 3.26 -0.57
C GLU B 152 -31.68 4.37 0.38
N ILE B 153 -30.84 4.66 1.38
CA ILE B 153 -31.11 5.77 2.28
C ILE B 153 -30.90 7.10 1.57
N THR B 154 -29.81 7.20 0.82
CA THR B 154 -29.48 8.43 0.11
C THR B 154 -30.57 8.78 -0.89
N ILE B 155 -31.09 7.79 -1.60
CA ILE B 155 -32.10 8.02 -2.62
C ILE B 155 -33.47 8.33 -2.01
N PHE B 156 -33.73 7.78 -0.83
CA PHE B 156 -34.99 8.07 -0.14
C PHE B 156 -34.99 9.48 0.42
N THR B 157 -33.89 9.85 1.06
CA THR B 157 -33.74 11.16 1.67
C THR B 157 -33.64 12.27 0.63
N ALA B 158 -32.86 12.02 -0.41
CA ALA B 158 -32.70 13.00 -1.48
C ALA B 158 -34.04 13.23 -2.18
N SER B 159 -34.74 12.13 -2.46
CA SER B 159 -36.03 12.19 -3.14
C SER B 159 -37.02 13.07 -2.37
N ARG B 160 -37.09 12.86 -1.06
CA ARG B 160 -38.10 13.51 -0.24
C ARG B 160 -37.81 15.00 -0.05
N SER B 161 -36.57 15.32 0.29
CA SER B 161 -36.18 16.71 0.54
C SER B 161 -36.40 17.59 -0.68
N LEU B 162 -35.75 17.23 -1.79
CA LEU B 162 -35.67 18.09 -2.97
C LEU B 162 -36.93 18.03 -3.82
N PHE B 163 -37.57 16.87 -3.87
CA PHE B 163 -38.68 16.64 -4.79
C PHE B 163 -40.03 16.74 -4.10
N GLY B 164 -40.10 16.28 -2.85
CA GLY B 164 -41.33 16.43 -2.07
C GLY B 164 -41.93 15.13 -1.56
N ASP B 165 -42.98 15.26 -0.76
CA ASP B 165 -43.54 14.13 -0.02
C ASP B 165 -44.44 13.25 -0.88
N GLU B 166 -44.99 13.80 -1.95
CA GLU B 166 -45.81 13.02 -2.87
C GLU B 166 -44.93 12.06 -3.66
N MET B 167 -43.88 12.61 -4.29
CA MET B 167 -42.94 11.80 -5.05
C MET B 167 -42.29 10.75 -4.16
N ARG B 168 -42.15 11.06 -2.88
CA ARG B 168 -41.57 10.12 -1.92
C ARG B 168 -42.41 8.84 -1.84
N ARG B 169 -43.70 9.00 -1.60
CA ARG B 169 -44.61 7.86 -1.43
C ARG B 169 -44.73 7.05 -2.72
N ILE B 170 -44.36 7.66 -3.85
CA ILE B 170 -44.45 7.01 -5.15
C ILE B 170 -43.39 5.92 -5.29
N PHE B 171 -42.31 6.04 -4.51
CA PHE B 171 -41.26 5.02 -4.51
C PHE B 171 -41.72 3.73 -3.85
N ASP B 172 -42.77 3.82 -3.06
CA ASP B 172 -43.34 2.65 -2.43
C ASP B 172 -44.28 2.00 -3.43
N ARG B 173 -43.78 1.69 -4.62
CA ARG B 173 -44.56 0.96 -5.63
C ARG B 173 -43.54 0.44 -6.65
N SER B 174 -44.01 -0.44 -7.51
CA SER B 174 -43.22 -1.07 -8.56
C SER B 174 -42.28 -0.05 -9.23
N PHE B 175 -42.63 1.22 -9.11
CA PHE B 175 -41.84 2.30 -9.68
C PHE B 175 -40.41 2.31 -9.13
N ALA B 176 -40.19 1.59 -8.04
CA ALA B 176 -38.87 1.50 -7.43
C ALA B 176 -37.90 0.65 -8.26
N GLN B 177 -38.47 -0.16 -9.14
CA GLN B 177 -37.68 -1.08 -9.96
C GLN B 177 -36.94 -0.34 -11.08
N LEU B 178 -37.52 0.77 -11.50
CA LEU B 178 -37.10 1.43 -12.74
C LEU B 178 -35.96 2.41 -12.52
N TYR B 179 -35.70 2.74 -11.25
CA TYR B 179 -34.48 3.45 -10.90
C TYR B 179 -33.28 2.49 -10.80
N SER B 180 -33.56 1.25 -10.43
CA SER B 180 -32.53 0.21 -10.44
C SER B 180 -32.08 -0.03 -11.88
N ASP B 181 -33.01 0.12 -12.81
CA ASP B 181 -32.76 -0.06 -14.24
C ASP B 181 -32.06 1.18 -14.79
N LEU B 182 -32.55 2.34 -14.37
CA LEU B 182 -31.95 3.61 -14.73
C LEU B 182 -30.59 3.75 -14.05
N ASP B 183 -30.53 3.25 -12.84
CA ASP B 183 -29.32 3.32 -12.02
C ASP B 183 -28.17 2.60 -12.70
N LYS B 184 -28.43 1.40 -13.20
CA LYS B 184 -27.40 0.58 -13.83
C LYS B 184 -26.91 1.22 -15.13
N GLY B 185 -27.82 1.88 -15.84
CA GLY B 185 -27.49 2.50 -17.12
C GLY B 185 -26.37 3.49 -16.91
N PHE B 186 -26.33 4.05 -15.71
CA PHE B 186 -25.33 5.02 -15.34
C PHE B 186 -24.05 4.26 -15.00
N THR B 187 -23.31 3.87 -16.03
CA THR B 187 -22.09 3.11 -15.83
C THR B 187 -21.02 3.54 -16.83
N PRO B 188 -19.74 3.51 -16.41
CA PRO B 188 -18.69 4.06 -17.27
C PRO B 188 -18.62 3.36 -18.63
N ILE B 189 -19.43 2.32 -18.80
CA ILE B 189 -19.49 1.59 -20.07
C ILE B 189 -19.95 2.49 -21.21
N ASN B 190 -20.74 3.51 -20.86
CA ASN B 190 -21.29 4.40 -21.87
C ASN B 190 -20.21 5.15 -22.62
N PHE B 191 -19.14 5.49 -21.90
CA PHE B 191 -18.04 6.23 -22.50
C PHE B 191 -17.60 5.57 -23.80
N VAL B 192 -17.70 4.25 -23.85
CA VAL B 192 -17.31 3.51 -25.06
C VAL B 192 -18.51 3.05 -25.88
N PHE B 193 -19.48 2.42 -25.23
CA PHE B 193 -20.71 2.01 -25.89
C PHE B 193 -21.93 2.62 -25.19
N PRO B 194 -22.39 3.78 -25.67
CA PRO B 194 -23.51 4.49 -25.04
C PRO B 194 -24.87 3.81 -25.27
N ASN B 195 -25.03 3.22 -26.46
CA ASN B 195 -26.25 2.49 -26.79
C ASN B 195 -25.94 1.19 -27.50
N LEU B 196 -26.42 0.08 -26.96
CA LEU B 196 -26.25 -1.22 -27.61
C LEU B 196 -27.52 -2.06 -27.52
N PRO B 197 -27.67 -3.03 -28.43
CA PRO B 197 -28.90 -3.81 -28.56
C PRO B 197 -29.13 -4.85 -27.46
N LEU B 198 -28.27 -4.89 -26.45
CA LEU B 198 -28.50 -5.73 -25.28
C LEU B 198 -29.69 -5.15 -24.50
N PRO B 199 -30.49 -6.01 -23.87
CA PRO B 199 -31.71 -5.54 -23.20
C PRO B 199 -31.47 -4.60 -22.04
N HIS B 200 -30.21 -4.35 -21.72
CA HIS B 200 -29.87 -3.46 -20.63
C HIS B 200 -30.12 -1.99 -20.96
N TYR B 201 -29.94 -1.63 -22.24
CA TYR B 201 -30.09 -0.25 -22.68
C TYR B 201 -31.56 0.12 -22.94
N TRP B 202 -32.41 -0.89 -23.06
CA TRP B 202 -33.84 -0.66 -23.24
C TRP B 202 -34.52 -0.38 -21.92
N ARG B 203 -34.26 -1.22 -20.93
CA ARG B 203 -34.78 -1.04 -19.58
C ARG B 203 -34.32 0.31 -19.04
N ARG B 204 -33.22 0.79 -19.60
CA ARG B 204 -32.66 2.09 -19.23
C ARG B 204 -33.44 3.24 -19.86
N ASP B 205 -33.79 3.10 -21.14
CA ASP B 205 -34.53 4.13 -21.86
C ASP B 205 -36.00 4.09 -21.44
N ALA B 206 -36.54 2.88 -21.37
CA ALA B 206 -37.90 2.67 -20.88
C ALA B 206 -38.06 3.34 -19.52
N ALA B 207 -37.13 3.01 -18.61
CA ALA B 207 -37.14 3.56 -17.26
C ALA B 207 -37.16 5.08 -17.29
N GLN B 208 -36.16 5.66 -17.95
CA GLN B 208 -36.04 7.11 -18.04
C GLN B 208 -37.35 7.73 -18.52
N LYS B 209 -37.80 7.30 -19.69
CA LYS B 209 -38.98 7.91 -20.33
C LYS B 209 -40.23 7.84 -19.44
N LYS B 210 -40.35 6.78 -18.64
CA LYS B 210 -41.49 6.67 -17.74
C LYS B 210 -41.20 7.28 -16.37
N ILE B 211 -39.93 7.49 -16.08
CA ILE B 211 -39.55 8.21 -14.86
C ILE B 211 -39.68 9.71 -15.08
N SER B 212 -39.24 10.18 -16.25
CA SER B 212 -39.45 11.58 -16.63
C SER B 212 -40.94 11.86 -16.70
N ALA B 213 -41.68 10.94 -17.31
CA ALA B 213 -43.14 11.06 -17.42
C ALA B 213 -43.76 11.17 -16.03
N THR B 214 -43.22 10.40 -15.09
CA THR B 214 -43.68 10.46 -13.71
C THR B 214 -43.51 11.87 -13.16
N TYR B 215 -42.32 12.42 -13.38
CA TYR B 215 -42.00 13.76 -12.86
C TYR B 215 -42.73 14.85 -13.64
N MET B 216 -43.20 14.53 -14.84
CA MET B 216 -43.89 15.53 -15.67
C MET B 216 -45.31 15.75 -15.17
N LYS B 217 -45.95 14.67 -14.71
CA LYS B 217 -47.30 14.76 -14.15
C LYS B 217 -47.30 15.58 -12.86
N GLU B 218 -46.23 15.45 -12.09
CA GLU B 218 -46.13 16.17 -10.83
C GLU B 218 -45.81 17.64 -11.06
N ILE B 219 -44.99 17.92 -12.07
CA ILE B 219 -44.71 19.30 -12.45
C ILE B 219 -46.01 19.99 -12.86
N LYS B 220 -46.91 19.24 -13.48
CA LYS B 220 -48.23 19.76 -13.84
C LYS B 220 -49.08 20.02 -12.61
N LEU B 221 -49.39 18.94 -11.88
CA LEU B 221 -50.35 19.01 -10.78
C LEU B 221 -50.02 20.11 -9.78
N ARG B 222 -48.73 20.27 -9.47
CA ARG B 222 -48.32 21.32 -8.55
C ARG B 222 -48.65 22.67 -9.16
N ARG B 223 -48.53 22.76 -10.47
CA ARG B 223 -48.86 23.99 -11.18
C ARG B 223 -50.38 24.18 -11.22
N GLU B 224 -51.08 23.17 -11.74
CA GLU B 224 -52.53 23.23 -11.88
C GLU B 224 -53.22 23.50 -10.54
N ARG B 225 -52.85 22.72 -9.53
CA ARG B 225 -53.44 22.87 -8.20
C ARG B 225 -53.03 24.21 -7.62
N GLY B 226 -52.08 24.84 -8.29
CA GLY B 226 -51.69 26.21 -8.01
C GLY B 226 -51.00 26.32 -6.67
N ASP B 227 -50.78 25.18 -6.03
CA ASP B 227 -50.13 25.20 -4.73
C ASP B 227 -48.62 25.19 -4.88
N ILE B 228 -48.06 26.27 -5.40
CA ILE B 228 -46.60 26.38 -5.46
C ILE B 228 -46.11 27.23 -4.31
N ASP B 229 -46.88 27.20 -3.22
CA ASP B 229 -46.61 28.02 -2.05
C ASP B 229 -45.44 27.46 -1.26
N PRO B 230 -45.08 26.20 -1.53
CA PRO B 230 -44.03 25.46 -0.86
C PRO B 230 -42.71 26.20 -0.65
N ASN B 231 -42.26 26.93 -1.66
CA ASN B 231 -40.96 27.59 -1.58
C ASN B 231 -39.95 26.71 -0.84
N ARG B 232 -40.09 25.40 -1.06
CA ARG B 232 -39.38 24.39 -0.28
C ARG B 232 -38.43 23.49 -1.07
N ASP B 233 -38.68 23.26 -2.35
CA ASP B 233 -37.90 22.25 -3.06
C ASP B 233 -37.65 22.52 -4.53
N LEU B 234 -36.87 21.62 -5.13
CA LEU B 234 -36.35 21.77 -6.48
C LEU B 234 -37.45 21.81 -7.55
N ILE B 235 -38.53 21.08 -7.33
CA ILE B 235 -39.63 21.06 -8.30
C ILE B 235 -40.34 22.42 -8.31
N ASP B 236 -40.45 23.02 -7.14
CA ASP B 236 -41.03 24.36 -7.01
C ASP B 236 -40.13 25.40 -7.68
N SER B 237 -38.82 25.29 -7.45
CA SER B 237 -37.87 26.29 -7.89
C SER B 237 -37.72 26.32 -9.41
N LEU B 238 -38.05 25.22 -10.07
CA LEU B 238 -37.93 25.13 -11.51
C LEU B 238 -39.20 25.59 -12.21
N LEU B 239 -40.33 25.47 -11.52
CA LEU B 239 -41.60 26.01 -12.01
C LEU B 239 -41.52 27.52 -12.09
N ILE B 240 -40.85 28.11 -11.10
CA ILE B 240 -40.76 29.55 -10.94
C ILE B 240 -39.72 30.13 -11.89
N HIS B 241 -38.47 29.85 -11.60
CA HIS B 241 -37.38 30.34 -12.42
C HIS B 241 -36.89 29.27 -13.38
N SER B 242 -37.22 29.43 -14.66
CA SER B 242 -36.77 28.53 -15.70
C SER B 242 -36.75 29.26 -17.03
N THR B 243 -36.50 30.56 -16.96
CA THR B 243 -36.45 31.40 -18.16
C THR B 243 -35.01 31.87 -18.41
N TYR B 244 -34.47 31.49 -19.55
CA TYR B 244 -33.07 31.77 -19.89
C TYR B 244 -32.87 33.26 -20.20
N LYS B 245 -31.60 33.61 -20.43
CA LYS B 245 -31.22 34.96 -20.83
C LYS B 245 -32.17 35.50 -21.90
N ASP B 246 -32.21 34.75 -23.01
CA ASP B 246 -32.85 35.19 -24.25
C ASP B 246 -34.37 35.22 -24.12
N GLY B 247 -34.88 34.64 -23.06
CA GLY B 247 -36.33 34.57 -22.83
C GLY B 247 -36.92 33.22 -23.18
N VAL B 248 -36.08 32.31 -23.68
CA VAL B 248 -36.51 30.94 -23.92
C VAL B 248 -36.79 30.25 -22.58
N LYS B 249 -37.73 29.33 -22.59
CA LYS B 249 -38.18 28.69 -21.35
C LYS B 249 -38.11 27.18 -21.46
N MET B 250 -37.49 26.56 -20.45
CA MET B 250 -37.35 25.11 -20.41
C MET B 250 -38.71 24.43 -20.50
N THR B 251 -38.79 23.42 -21.36
CA THR B 251 -39.99 22.62 -21.49
C THR B 251 -40.12 21.74 -20.25
N ASP B 252 -41.31 21.17 -20.03
CA ASP B 252 -41.53 20.34 -18.85
C ASP B 252 -40.84 19.00 -18.98
N GLN B 253 -40.51 18.61 -20.21
CA GLN B 253 -39.71 17.40 -20.43
C GLN B 253 -38.26 17.70 -20.07
N GLU B 254 -37.82 18.90 -20.42
CA GLU B 254 -36.45 19.33 -20.16
C GLU B 254 -36.20 19.55 -18.66
N ILE B 255 -37.18 20.12 -17.97
CA ILE B 255 -37.11 20.24 -16.52
C ILE B 255 -37.05 18.87 -15.87
N ALA B 256 -37.92 17.97 -16.34
CA ALA B 256 -37.99 16.62 -15.81
C ALA B 256 -36.64 15.92 -15.89
N ASN B 257 -35.97 16.09 -17.03
CA ASN B 257 -34.68 15.46 -17.26
C ASN B 257 -33.63 16.02 -16.31
N LEU B 258 -33.62 17.34 -16.19
CA LEU B 258 -32.69 18.02 -15.29
C LEU B 258 -32.89 17.48 -13.89
N LEU B 259 -34.16 17.29 -13.55
CA LEU B 259 -34.54 16.77 -12.25
C LEU B 259 -33.86 15.42 -12.06
N ILE B 260 -33.80 14.64 -13.14
CA ILE B 260 -33.22 13.30 -13.06
C ILE B 260 -31.72 13.34 -12.82
N GLY B 261 -31.01 14.20 -13.55
CA GLY B 261 -29.57 14.30 -13.42
C GLY B 261 -29.15 14.72 -12.03
N ILE B 262 -29.87 15.70 -11.49
CA ILE B 262 -29.56 16.23 -10.17
C ILE B 262 -29.83 15.17 -9.11
N LEU B 263 -30.71 14.22 -9.43
CA LEU B 263 -31.08 13.20 -8.45
C LEU B 263 -30.07 12.06 -8.43
N MET B 264 -29.68 11.61 -9.61
CA MET B 264 -28.72 10.50 -9.72
C MET B 264 -27.30 11.01 -9.46
N GLY B 265 -27.00 12.19 -9.98
CA GLY B 265 -25.70 12.80 -9.75
C GLY B 265 -25.39 12.88 -8.27
N GLY B 266 -26.28 13.52 -7.54
CA GLY B 266 -26.12 13.73 -6.11
C GLY B 266 -26.18 12.48 -5.26
N GLN B 267 -27.04 11.54 -5.65
CA GLN B 267 -27.19 10.33 -4.86
C GLN B 267 -25.97 9.41 -4.94
N HIS B 268 -25.38 9.27 -6.13
CA HIS B 268 -24.20 8.42 -6.28
C HIS B 268 -23.02 8.95 -5.48
N THR B 269 -22.70 10.22 -5.65
CA THR B 269 -21.55 10.81 -4.96
C THR B 269 -21.75 10.75 -3.45
N SER B 270 -22.94 11.16 -3.03
CA SER B 270 -23.25 11.21 -1.61
C SER B 270 -23.36 9.81 -1.02
N ALA B 271 -23.96 8.89 -1.78
CA ALA B 271 -24.06 7.50 -1.35
C ALA B 271 -22.65 6.95 -1.10
N SER B 272 -21.75 7.26 -2.02
CA SER B 272 -20.36 6.83 -1.94
C SER B 272 -19.74 7.28 -0.62
N THR B 273 -19.66 8.59 -0.43
CA THR B 273 -19.04 9.18 0.75
C THR B 273 -19.64 8.64 2.05
N SER B 274 -20.93 8.38 2.02
CA SER B 274 -21.65 7.93 3.21
C SER B 274 -21.23 6.51 3.57
N ALA B 275 -21.16 5.66 2.55
CA ALA B 275 -20.69 4.29 2.74
C ALA B 275 -19.28 4.28 3.32
N TRP B 276 -18.43 5.19 2.83
CA TRP B 276 -17.03 5.23 3.24
C TRP B 276 -16.83 5.66 4.70
N PHE B 277 -17.57 6.65 5.17
CA PHE B 277 -17.42 7.06 6.57
C PHE B 277 -18.19 6.18 7.56
N LEU B 278 -18.93 5.20 7.06
CA LEU B 278 -19.48 4.17 7.93
C LEU B 278 -18.43 3.10 8.19
N LEU B 279 -17.79 2.65 7.11
CA LEU B 279 -16.73 1.66 7.20
C LEU B 279 -15.54 2.20 7.98
N HIS B 280 -15.13 3.43 7.65
CA HIS B 280 -13.99 4.05 8.30
C HIS B 280 -14.26 4.35 9.78
N LEU B 281 -15.48 4.77 10.08
CA LEU B 281 -15.89 4.96 11.47
C LEU B 281 -16.03 3.61 12.18
N GLY B 282 -16.18 2.56 11.38
CA GLY B 282 -16.28 1.20 11.88
C GLY B 282 -14.94 0.65 12.35
N GLU B 283 -13.90 0.84 11.54
CA GLU B 283 -12.56 0.37 11.89
C GLU B 283 -12.05 1.08 13.14
N LYS B 284 -12.50 2.31 13.33
CA LYS B 284 -12.09 3.09 14.50
C LYS B 284 -13.31 3.54 15.30
N PRO B 285 -13.91 2.62 16.07
CA PRO B 285 -15.14 2.94 16.81
C PRO B 285 -14.94 4.08 17.80
N HIS B 286 -13.68 4.34 18.17
CA HIS B 286 -13.38 5.41 19.12
C HIS B 286 -13.79 6.77 18.56
N LEU B 287 -13.86 6.86 17.23
CA LEU B 287 -14.25 8.11 16.59
C LEU B 287 -15.75 8.34 16.63
N GLN B 288 -16.52 7.25 16.67
CA GLN B 288 -17.97 7.33 16.80
C GLN B 288 -18.34 7.96 18.13
N ASP B 289 -17.55 7.64 19.16
CA ASP B 289 -17.80 8.12 20.51
C ASP B 289 -17.44 9.59 20.68
N VAL B 290 -16.54 10.10 19.85
CA VAL B 290 -16.24 11.52 19.86
C VAL B 290 -17.40 12.33 19.28
N ILE B 291 -18.04 11.79 18.25
CA ILE B 291 -19.17 12.46 17.64
C ILE B 291 -20.40 12.36 18.54
N TYR B 292 -20.50 11.26 19.27
CA TYR B 292 -21.68 11.01 20.10
C TYR B 292 -21.72 11.97 21.29
N GLN B 293 -20.61 12.07 22.02
CA GLN B 293 -20.53 12.98 23.16
C GLN B 293 -20.76 14.41 22.70
N GLU B 294 -20.17 14.75 21.56
CA GLU B 294 -20.31 16.08 20.98
C GLU B 294 -21.79 16.38 20.75
N VAL B 295 -22.52 15.38 20.28
CA VAL B 295 -23.92 15.54 19.91
C VAL B 295 -24.85 15.57 21.13
N VAL B 296 -24.65 14.66 22.07
CA VAL B 296 -25.51 14.62 23.26
C VAL B 296 -25.25 15.84 24.13
N GLU B 297 -23.99 16.26 24.18
CA GLU B 297 -23.62 17.44 24.96
C GLU B 297 -24.22 18.70 24.35
N LEU B 298 -24.20 18.75 23.03
CA LEU B 298 -24.80 19.89 22.33
C LEU B 298 -26.28 19.94 22.63
N LEU B 299 -26.95 18.79 22.50
CA LEU B 299 -28.25 18.63 23.15
C LEU B 299 -27.97 18.85 24.63
N LYS B 300 -28.88 19.53 25.32
CA LYS B 300 -28.63 19.90 26.72
C LYS B 300 -29.49 19.16 27.77
N GLU B 301 -28.87 18.15 28.41
CA GLU B 301 -29.37 17.47 29.64
C GLU B 301 -30.67 16.62 29.72
N LYS B 302 -30.86 15.67 28.79
CA LYS B 302 -31.94 14.65 28.86
C LYS B 302 -33.37 15.15 29.10
N GLY B 303 -34.13 14.50 29.96
CA GLY B 303 -35.51 14.93 30.17
C GLY B 303 -36.18 15.11 28.82
N GLY B 304 -36.28 14.02 28.06
CA GLY B 304 -36.82 14.10 26.71
C GLY B 304 -35.75 14.52 25.72
N ASP B 305 -34.55 14.78 26.24
CA ASP B 305 -33.39 15.10 25.42
C ASP B 305 -33.49 16.45 24.69
N LEU B 306 -34.22 17.43 25.25
CA LEU B 306 -34.20 18.79 24.68
C LEU B 306 -35.01 19.15 23.41
N ASN B 307 -35.76 18.23 22.81
CA ASN B 307 -36.68 18.59 21.70
C ASN B 307 -36.18 18.57 20.24
N ASP B 308 -34.98 18.06 19.98
CA ASP B 308 -34.44 17.78 18.63
C ASP B 308 -33.51 18.74 17.88
N LEU B 309 -32.67 18.13 17.03
CA LEU B 309 -31.52 18.71 16.34
C LEU B 309 -31.91 19.43 15.05
N THR B 310 -31.25 20.57 14.79
CA THR B 310 -31.55 21.37 13.61
C THR B 310 -30.33 21.59 12.71
N TYR B 311 -30.56 22.18 11.55
CA TYR B 311 -29.50 22.58 10.63
C TYR B 311 -28.47 23.48 11.33
N GLU B 312 -28.96 24.37 12.17
CA GLU B 312 -28.08 25.29 12.91
C GLU B 312 -27.12 24.52 13.81
N ASP B 313 -27.62 23.44 14.41
CA ASP B 313 -26.81 22.64 15.32
C ASP B 313 -25.71 21.88 14.57
N LEU B 314 -25.94 21.64 13.28
CA LEU B 314 -24.93 20.99 12.44
C LEU B 314 -23.75 21.92 12.22
N GLN B 315 -24.01 23.22 12.26
CA GLN B 315 -22.96 24.23 12.22
C GLN B 315 -22.05 24.08 13.43
N LYS B 316 -22.65 23.64 14.53
CA LYS B 316 -22.02 23.69 15.84
C LYS B 316 -21.53 22.31 16.26
N LEU B 317 -21.20 21.50 15.27
CA LEU B 317 -20.68 20.16 15.50
C LEU B 317 -19.43 19.91 14.66
N PRO B 318 -18.29 20.47 15.11
CA PRO B 318 -17.03 20.42 14.37
C PRO B 318 -16.63 19.01 13.96
N SER B 319 -16.81 18.04 14.85
CA SER B 319 -16.34 16.68 14.61
C SER B 319 -17.15 15.98 13.54
N VAL B 320 -18.43 16.32 13.44
CA VAL B 320 -19.28 15.76 12.39
C VAL B 320 -18.79 16.19 11.01
N ASN B 321 -18.56 17.49 10.86
CA ASN B 321 -18.17 18.05 9.57
C ASN B 321 -16.72 17.72 9.23
N ASN B 322 -15.92 17.48 10.26
CA ASN B 322 -14.53 17.08 10.07
C ASN B 322 -14.43 15.65 9.58
N THR B 323 -15.37 14.81 10.05
CA THR B 323 -15.47 13.43 9.57
C THR B 323 -15.72 13.41 8.08
N ILE B 324 -16.60 14.30 7.61
CA ILE B 324 -16.97 14.34 6.21
C ILE B 324 -15.83 14.82 5.31
N LYS B 325 -15.08 15.81 5.78
CA LYS B 325 -13.91 16.29 5.04
C LYS B 325 -12.95 15.14 4.79
N GLU B 326 -12.66 14.39 5.84
CA GLU B 326 -11.60 13.38 5.84
C GLU B 326 -11.90 12.26 4.85
N THR B 327 -13.18 11.91 4.70
CA THR B 327 -13.55 10.85 3.76
C THR B 327 -13.74 11.39 2.33
N LEU B 328 -13.89 12.69 2.20
CA LEU B 328 -13.84 13.32 0.87
C LEU B 328 -12.39 13.56 0.47
N ARG B 329 -11.49 13.53 1.46
CA ARG B 329 -10.06 13.59 1.20
C ARG B 329 -9.54 12.21 0.80
N MET B 330 -9.84 11.22 1.63
CA MET B 330 -9.35 9.86 1.41
C MET B 330 -10.06 9.18 0.24
N HIS B 331 -11.35 9.48 0.07
CA HIS B 331 -12.14 8.84 -0.98
C HIS B 331 -13.06 9.81 -1.70
N MET B 332 -12.48 10.80 -2.38
CA MET B 332 -13.24 11.65 -3.28
C MET B 332 -13.90 10.75 -4.33
N PRO B 333 -15.24 10.74 -4.36
CA PRO B 333 -15.98 9.79 -5.18
C PRO B 333 -15.60 9.87 -6.66
N LEU B 334 -15.14 11.05 -7.08
CA LEU B 334 -14.87 11.32 -8.48
C LEU B 334 -13.35 11.38 -8.70
N HIS B 335 -12.77 10.27 -9.16
CA HIS B 335 -11.31 10.13 -9.14
C HIS B 335 -10.60 10.90 -10.26
N SER B 336 -11.32 11.25 -11.32
CA SER B 336 -10.71 12.02 -12.40
C SER B 336 -11.72 12.80 -13.24
N ILE B 337 -11.47 14.10 -13.39
CA ILE B 337 -12.28 14.97 -14.25
C ILE B 337 -11.61 15.07 -15.62
N PHE B 338 -12.39 15.05 -16.68
CA PHE B 338 -11.86 15.20 -18.04
C PHE B 338 -12.40 16.46 -18.70
N ARG B 339 -11.70 16.92 -19.72
CA ARG B 339 -12.21 17.99 -20.57
C ARG B 339 -11.72 17.71 -21.96
N LYS B 340 -12.63 17.61 -22.92
CA LYS B 340 -12.18 17.47 -24.29
C LYS B 340 -11.51 18.76 -24.73
N VAL B 341 -10.40 18.63 -25.45
CA VAL B 341 -9.65 19.80 -25.90
C VAL B 341 -10.23 20.38 -27.21
N THR B 342 -10.57 21.65 -27.17
CA THR B 342 -11.23 22.29 -28.31
C THR B 342 -10.25 22.98 -29.25
N ASN B 343 -9.32 23.72 -28.66
CA ASN B 343 -8.26 24.34 -29.43
C ASN B 343 -7.04 23.70 -28.80
N PRO B 344 -5.95 23.63 -29.51
CA PRO B 344 -4.74 23.11 -28.92
C PRO B 344 -4.09 24.29 -28.27
N LEU B 345 -3.47 24.17 -27.10
CA LEU B 345 -2.83 25.35 -26.53
C LEU B 345 -1.68 25.07 -25.62
N ARG B 346 -0.79 26.04 -25.52
CA ARG B 346 0.34 25.80 -24.63
C ARG B 346 -0.06 25.72 -23.16
N ILE B 347 0.73 24.95 -22.42
CA ILE B 347 0.68 24.92 -20.98
C ILE B 347 1.79 25.89 -20.59
N PRO B 348 1.49 26.82 -19.67
CA PRO B 348 2.43 27.89 -19.31
C PRO B 348 3.65 27.41 -18.54
N GLU B 349 4.74 28.17 -18.64
CA GLU B 349 6.00 27.81 -17.97
C GLU B 349 6.56 26.49 -18.49
N THR B 350 6.25 26.19 -19.75
CA THR B 350 6.69 24.96 -20.37
C THR B 350 6.69 25.11 -21.89
N ASN B 351 7.50 24.31 -22.57
CA ASN B 351 7.51 24.33 -24.03
C ASN B 351 6.55 23.27 -24.57
N TYR B 352 5.53 22.97 -23.77
CA TYR B 352 4.55 21.95 -24.12
C TYR B 352 3.28 22.56 -24.71
N ILE B 353 2.65 21.79 -25.59
CA ILE B 353 1.38 22.18 -26.20
C ILE B 353 0.48 20.95 -26.26
N VAL B 354 -0.81 21.16 -26.02
CA VAL B 354 -1.76 20.06 -26.03
C VAL B 354 -2.61 20.07 -27.30
N PRO B 355 -2.40 19.07 -28.17
CA PRO B 355 -3.09 18.97 -29.45
C PRO B 355 -4.61 18.91 -29.33
N LYS B 356 -5.28 18.88 -30.47
CA LYS B 356 -6.73 18.94 -30.51
C LYS B 356 -7.32 17.52 -30.53
N GLY B 357 -8.59 17.40 -30.21
CA GLY B 357 -9.25 16.09 -30.16
C GLY B 357 -8.48 15.19 -29.20
N HIS B 358 -7.94 15.85 -28.18
CA HIS B 358 -7.05 15.24 -27.21
C HIS B 358 -7.53 15.64 -25.82
N TYR B 359 -7.95 14.65 -25.03
CA TYR B 359 -8.58 14.89 -23.74
C TYR B 359 -7.62 15.31 -22.63
N VAL B 360 -8.11 16.16 -21.74
CA VAL B 360 -7.30 16.62 -20.63
C VAL B 360 -7.89 16.16 -19.30
N LEU B 361 -7.01 15.68 -18.44
CA LEU B 361 -7.44 15.08 -17.20
C LEU B 361 -6.84 15.78 -15.98
N VAL B 362 -7.71 16.06 -15.01
CA VAL B 362 -7.29 16.65 -13.74
C VAL B 362 -7.75 15.72 -12.61
N SER B 363 -6.92 15.57 -11.58
CA SER B 363 -7.27 14.66 -10.50
C SER B 363 -6.93 15.16 -9.09
N PRO B 364 -7.77 16.05 -8.54
CA PRO B 364 -7.53 16.52 -7.18
C PRO B 364 -7.34 15.38 -6.19
N GLY B 365 -8.00 14.25 -6.42
CA GLY B 365 -7.92 13.12 -5.51
C GLY B 365 -6.50 12.68 -5.23
N TYR B 366 -5.67 12.73 -6.27
CA TYR B 366 -4.26 12.34 -6.16
C TYR B 366 -3.57 13.14 -5.06
N ALA B 367 -3.70 14.46 -5.12
CA ALA B 367 -3.12 15.34 -4.10
C ALA B 367 -3.68 15.03 -2.72
N HIS B 368 -4.95 14.64 -2.67
CA HIS B 368 -5.59 14.25 -1.41
C HIS B 368 -4.90 13.01 -0.87
N THR B 369 -4.47 12.16 -1.81
CA THR B 369 -3.94 10.84 -1.51
C THR B 369 -2.44 10.92 -1.26
N SER B 370 -1.86 12.04 -1.68
CA SER B 370 -0.41 12.18 -1.75
C SER B 370 0.24 12.46 -0.39
N GLU B 371 1.38 11.80 -0.16
CA GLU B 371 2.20 12.03 1.03
C GLU B 371 2.93 13.35 0.87
N ARG B 372 2.92 13.84 -0.37
CA ARG B 372 3.62 15.07 -0.77
C ARG B 372 2.99 16.33 -0.20
N TYR B 373 1.67 16.49 -0.38
CA TYR B 373 0.98 17.69 0.08
C TYR B 373 0.71 17.70 1.59
N PHE B 374 0.40 16.53 2.14
CA PHE B 374 0.56 16.35 3.59
C PHE B 374 0.68 14.90 4.08
N ASP B 375 0.94 14.79 5.39
CA ASP B 375 1.50 13.57 5.96
C ASP B 375 0.45 12.52 6.32
N ASN B 376 0.89 11.27 6.39
CA ASN B 376 0.01 10.15 6.70
C ASN B 376 -1.30 10.19 5.93
N PRO B 377 -1.22 10.16 4.59
CA PRO B 377 -2.43 10.22 3.76
C PRO B 377 -3.30 8.96 3.90
N GLU B 378 -2.66 7.79 3.85
CA GLU B 378 -3.38 6.53 3.86
C GLU B 378 -4.12 6.31 5.18
N ASP B 379 -3.82 7.16 6.16
CA ASP B 379 -4.45 7.07 7.47
C ASP B 379 -5.64 8.00 7.54
N PHE B 380 -6.71 7.53 8.16
CA PHE B 380 -7.93 8.30 8.26
C PHE B 380 -8.01 9.05 9.58
N ASP B 381 -7.66 10.32 9.57
CA ASP B 381 -7.66 11.12 10.79
C ASP B 381 -8.40 12.43 10.61
N PRO B 382 -9.58 12.56 11.21
CA PRO B 382 -10.33 13.80 11.11
C PRO B 382 -9.80 14.93 11.99
N THR B 383 -8.88 14.63 12.90
CA THR B 383 -8.34 15.64 13.79
C THR B 383 -7.34 16.54 13.05
N ARG B 384 -6.93 16.11 11.86
CA ARG B 384 -6.00 16.88 11.05
C ARG B 384 -6.62 18.18 10.58
N TRP B 385 -7.91 18.35 10.85
CA TRP B 385 -8.66 19.53 10.41
C TRP B 385 -8.97 20.51 11.53
N ASP B 386 -8.16 20.48 12.59
CA ASP B 386 -8.40 21.24 13.81
C ASP B 386 -8.97 22.64 13.60
N THR B 387 -10.08 22.91 14.29
CA THR B 387 -10.65 24.25 14.34
C THR B 387 -10.86 24.77 12.92
N ALA B 388 -10.99 23.83 12.00
CA ALA B 388 -11.22 24.14 10.59
C ALA B 388 -12.32 23.22 10.06
N ALA B 389 -13.56 23.59 10.34
CA ALA B 389 -14.71 22.72 10.05
C ALA B 389 -15.52 23.21 8.87
N ALA B 390 -15.02 24.22 8.16
CA ALA B 390 -15.74 24.79 7.02
C ALA B 390 -15.54 23.93 5.78
N LYS B 391 -16.67 23.68 5.10
CA LYS B 391 -16.79 22.79 3.93
C LYS B 391 -15.73 23.16 2.91
N ALA B 392 -15.46 24.44 2.81
CA ALA B 392 -14.39 24.93 1.96
C ALA B 392 -14.12 26.42 2.05
N ASN B 393 -12.86 26.78 1.81
CA ASN B 393 -12.46 28.18 1.82
C ASN B 393 -11.32 28.45 0.84
N SER B 394 -11.22 29.69 0.39
CA SER B 394 -10.12 30.10 -0.47
C SER B 394 -8.91 30.30 0.43
N VAL B 395 -8.37 29.17 0.86
CA VAL B 395 -7.26 29.11 1.79
C VAL B 395 -6.01 29.13 0.94
N SER B 396 -6.07 28.17 0.02
CA SER B 396 -5.03 27.85 -0.95
C SER B 396 -4.52 29.09 -1.68
N PHE B 397 -3.28 28.99 -2.17
CA PHE B 397 -2.55 30.16 -2.62
C PHE B 397 -3.00 30.74 -3.97
N ASN B 398 -2.41 31.89 -4.29
CA ASN B 398 -2.80 32.62 -5.49
C ASN B 398 -3.90 33.58 -5.10
N SER B 399 -4.77 33.95 -6.05
CA SER B 399 -5.69 35.07 -5.82
C SER B 399 -6.88 34.88 -4.88
N SER B 400 -7.69 33.86 -5.13
CA SER B 400 -8.93 33.69 -4.37
C SER B 400 -9.87 34.89 -4.50
N ASP B 401 -9.85 35.57 -5.64
CA ASP B 401 -10.83 36.64 -5.84
C ASP B 401 -12.00 36.00 -6.61
N GLU B 402 -13.12 36.70 -6.72
CA GLU B 402 -14.36 36.05 -7.15
C GLU B 402 -14.78 36.42 -8.57
N VAL B 403 -15.39 35.45 -9.25
CA VAL B 403 -15.88 35.63 -10.61
C VAL B 403 -17.24 34.94 -10.76
N ASP B 404 -18.08 35.52 -11.61
CA ASP B 404 -19.45 35.03 -11.79
C ASP B 404 -19.61 34.45 -13.19
N TYR B 405 -19.89 33.16 -13.26
CA TYR B 405 -20.06 32.49 -14.54
C TYR B 405 -21.52 32.39 -14.92
N GLY B 406 -22.41 32.82 -14.03
CA GLY B 406 -23.83 32.78 -14.34
C GLY B 406 -24.69 32.09 -13.30
N PHE B 407 -24.05 31.54 -12.27
CA PHE B 407 -24.81 30.88 -11.21
C PHE B 407 -24.33 31.36 -9.85
N GLY B 408 -23.70 32.53 -9.83
CA GLY B 408 -23.29 33.15 -8.57
C GLY B 408 -21.80 33.40 -8.50
N LYS B 409 -21.39 34.18 -7.50
CA LYS B 409 -19.97 34.46 -7.30
C LYS B 409 -19.23 33.21 -6.84
N VAL B 410 -18.05 32.99 -7.42
CA VAL B 410 -17.27 31.80 -7.12
C VAL B 410 -15.78 32.10 -7.25
N SER B 411 -14.97 31.47 -6.41
CA SER B 411 -13.55 31.78 -6.32
C SER B 411 -12.84 31.72 -7.68
N LYS B 412 -11.91 32.64 -7.89
CA LYS B 412 -11.16 32.71 -9.14
C LYS B 412 -9.94 31.80 -9.06
N GLY B 413 -9.49 31.55 -7.84
CA GLY B 413 -8.37 30.67 -7.58
C GLY B 413 -8.81 29.27 -7.22
N VAL B 414 -8.21 28.28 -7.88
CA VAL B 414 -8.53 26.88 -7.62
C VAL B 414 -7.29 26.10 -7.20
N SER B 415 -6.28 26.81 -6.72
CA SER B 415 -4.94 26.25 -6.58
C SER B 415 -4.71 25.41 -5.32
N SER B 416 -5.78 25.11 -4.59
CA SER B 416 -5.69 24.28 -3.39
C SER B 416 -5.43 22.81 -3.70
N PRO B 417 -4.61 22.16 -2.86
CA PRO B 417 -4.41 20.71 -3.00
C PRO B 417 -5.72 19.97 -2.79
N TYR B 418 -6.56 20.51 -1.92
CA TYR B 418 -7.81 19.89 -1.53
C TYR B 418 -8.98 20.56 -2.24
N LEU B 419 -9.46 19.91 -3.30
CA LEU B 419 -10.59 20.40 -4.07
C LEU B 419 -11.61 19.29 -4.27
N PRO B 420 -12.32 18.91 -3.19
CA PRO B 420 -13.25 17.81 -3.43
C PRO B 420 -14.39 18.22 -4.36
N PHE B 421 -14.73 19.50 -4.36
CA PHE B 421 -15.89 19.98 -5.11
C PHE B 421 -15.55 20.71 -6.40
N GLY B 422 -14.32 20.54 -6.86
CA GLY B 422 -13.91 21.10 -8.15
C GLY B 422 -13.69 22.60 -8.11
N GLY B 423 -13.80 23.22 -9.27
CA GLY B 423 -13.63 24.66 -9.34
C GLY B 423 -13.98 25.21 -10.71
N GLY B 424 -13.93 26.53 -10.83
CA GLY B 424 -14.16 27.19 -12.11
C GLY B 424 -15.61 27.09 -12.53
N ARG B 425 -15.84 27.19 -13.84
CA ARG B 425 -17.21 27.29 -14.37
C ARG B 425 -18.01 26.01 -14.16
N HIS B 426 -17.32 24.90 -13.95
CA HIS B 426 -17.97 23.60 -13.83
C HIS B 426 -18.03 23.12 -12.40
N ARG B 427 -17.81 24.06 -11.50
CA ARG B 427 -17.81 23.79 -10.08
C ARG B 427 -19.13 23.20 -9.62
N CYS B 428 -19.07 22.40 -8.55
CA CYS B 428 -20.27 21.80 -7.98
C CYS B 428 -21.13 22.81 -7.25
N ILE B 429 -22.44 22.60 -7.31
CA ILE B 429 -23.39 23.47 -6.63
C ILE B 429 -24.03 22.77 -5.45
N GLY B 430 -23.82 21.46 -5.36
CA GLY B 430 -24.45 20.65 -4.33
C GLY B 430 -23.67 20.57 -3.03
N GLU B 431 -22.46 21.12 -3.02
CA GLU B 431 -21.57 21.01 -1.86
C GLU B 431 -22.31 21.18 -0.53
N GLN B 432 -23.05 22.27 -0.39
CA GLN B 432 -23.63 22.63 0.91
C GLN B 432 -24.83 21.76 1.24
N PHE B 433 -25.48 21.22 0.21
CA PHE B 433 -26.56 20.26 0.40
C PHE B 433 -26.00 18.92 0.85
N ALA B 434 -24.80 18.62 0.38
CA ALA B 434 -24.14 17.36 0.73
C ALA B 434 -23.81 17.31 2.21
N TYR B 435 -23.16 18.35 2.72
CA TYR B 435 -22.80 18.42 4.13
C TYR B 435 -24.05 18.30 5.01
N VAL B 436 -25.15 18.86 4.54
CA VAL B 436 -26.41 18.78 5.26
C VAL B 436 -26.93 17.34 5.29
N GLN B 437 -27.15 16.80 4.10
CA GLN B 437 -27.59 15.41 3.93
C GLN B 437 -26.72 14.44 4.71
N LEU B 438 -25.41 14.49 4.44
CA LEU B 438 -24.46 13.56 5.06
C LEU B 438 -24.39 13.77 6.56
N GLY B 439 -24.38 15.04 6.98
CA GLY B 439 -24.37 15.39 8.38
C GLY B 439 -25.55 14.82 9.14
N THR B 440 -26.73 14.90 8.53
CA THR B 440 -27.95 14.39 9.14
C THR B 440 -27.93 12.86 9.20
N ILE B 441 -27.40 12.24 8.16
CA ILE B 441 -27.25 10.79 8.13
C ILE B 441 -26.30 10.34 9.23
N LEU B 442 -25.22 11.09 9.42
CA LEU B 442 -24.20 10.73 10.42
C LEU B 442 -24.71 10.88 11.84
N THR B 443 -25.26 12.05 12.16
CA THR B 443 -25.68 12.33 13.53
C THR B 443 -26.83 11.40 13.93
N THR B 444 -27.69 11.10 12.97
CA THR B 444 -28.79 10.16 13.20
C THR B 444 -28.26 8.74 13.37
N PHE B 445 -27.17 8.42 12.70
CA PHE B 445 -26.59 7.08 12.78
C PHE B 445 -25.93 6.82 14.13
N VAL B 446 -25.08 7.74 14.58
CA VAL B 446 -24.30 7.50 15.80
C VAL B 446 -25.09 7.74 17.09
N TYR B 447 -26.22 8.43 16.98
CA TYR B 447 -27.04 8.72 18.16
C TYR B 447 -27.88 7.50 18.53
N ASN B 448 -28.12 6.64 17.54
CA ASN B 448 -28.96 5.46 17.71
C ASN B 448 -28.14 4.18 17.69
N LEU B 449 -27.09 4.17 16.88
CA LEU B 449 -26.32 2.96 16.65
C LEU B 449 -24.83 3.15 16.90
N ARG B 450 -24.20 2.07 17.36
CA ARG B 450 -22.75 1.98 17.42
C ARG B 450 -22.31 0.71 16.69
N TRP B 451 -21.28 0.81 15.85
CA TRP B 451 -20.89 -0.31 15.02
C TRP B 451 -19.39 -0.53 14.90
N THR B 452 -19.05 -1.68 14.34
CA THR B 452 -17.67 -2.03 14.05
C THR B 452 -17.62 -2.87 12.79
N ILE B 453 -16.41 -3.14 12.33
CA ILE B 453 -16.18 -3.80 11.05
C ILE B 453 -15.83 -5.27 11.25
N ASP B 454 -16.21 -5.91 12.36
CA ASP B 454 -15.89 -7.32 12.45
C ASP B 454 -14.36 -7.39 12.48
N GLY B 455 -13.74 -6.29 12.92
CA GLY B 455 -12.28 -6.21 13.07
C GLY B 455 -11.60 -6.69 11.81
N TYR B 456 -12.14 -6.23 10.68
CA TYR B 456 -11.58 -6.53 9.38
C TYR B 456 -10.99 -5.20 8.97
N LYS B 457 -10.28 -5.18 7.84
CA LYS B 457 -9.69 -3.93 7.35
C LYS B 457 -10.69 -3.21 6.44
N VAL B 458 -10.64 -1.89 6.37
CA VAL B 458 -11.59 -1.24 5.48
C VAL B 458 -11.32 -1.81 4.10
N PRO B 459 -12.35 -2.40 3.48
CA PRO B 459 -12.15 -3.03 2.19
C PRO B 459 -11.47 -2.11 1.18
N ASP B 460 -10.72 -2.69 0.25
CA ASP B 460 -10.10 -1.92 -0.82
C ASP B 460 -11.17 -1.22 -1.65
N PRO B 461 -10.85 -0.03 -2.17
CA PRO B 461 -11.77 0.69 -3.05
C PRO B 461 -11.72 0.20 -4.49
N ASP B 462 -12.90 0.11 -5.11
CA ASP B 462 -13.01 -0.13 -6.54
C ASP B 462 -13.08 1.20 -7.29
N TYR B 463 -12.19 1.37 -8.26
CA TYR B 463 -12.11 2.62 -9.01
C TYR B 463 -12.69 2.48 -10.41
N SER B 464 -13.31 1.33 -10.67
CA SER B 464 -13.72 0.96 -12.03
C SER B 464 -15.14 1.40 -12.35
N SER B 465 -15.71 2.24 -11.49
CA SER B 465 -17.12 2.57 -11.61
C SER B 465 -17.37 4.08 -11.63
N MET B 466 -18.66 4.43 -11.57
CA MET B 466 -19.07 5.83 -11.55
C MET B 466 -18.37 6.55 -10.40
N VAL B 467 -18.73 6.16 -9.18
CA VAL B 467 -18.10 6.69 -7.98
C VAL B 467 -17.18 5.62 -7.37
N VAL B 468 -16.21 6.07 -6.58
CA VAL B 468 -15.29 5.16 -5.93
C VAL B 468 -15.97 4.43 -4.77
N LEU B 469 -16.44 3.21 -5.02
CA LEU B 469 -17.10 2.41 -3.99
C LEU B 469 -16.12 1.48 -3.29
N PRO B 470 -16.52 0.96 -2.12
CA PRO B 470 -15.77 -0.13 -1.50
C PRO B 470 -16.08 -1.48 -2.13
N THR B 471 -15.15 -2.39 -1.92
CA THR B 471 -15.21 -3.73 -2.52
C THR B 471 -16.17 -4.64 -1.78
N GLU B 472 -16.50 -5.73 -2.42
CA GLU B 472 -17.59 -6.60 -2.10
C GLU B 472 -18.03 -6.92 -0.70
N PRO B 473 -17.12 -7.42 0.20
CA PRO B 473 -17.72 -7.70 1.52
C PRO B 473 -17.73 -6.43 2.31
N ALA B 474 -18.55 -5.49 1.88
CA ALA B 474 -18.60 -4.24 2.61
C ALA B 474 -19.84 -4.19 3.48
N GLU B 475 -19.67 -4.56 4.75
CA GLU B 475 -20.78 -4.53 5.69
C GLU B 475 -20.26 -4.12 7.07
N ILE B 476 -21.06 -3.34 7.78
CA ILE B 476 -20.76 -3.06 9.17
C ILE B 476 -21.40 -4.12 10.06
N ILE B 477 -20.56 -5.08 10.44
CA ILE B 477 -21.00 -6.24 11.18
C ILE B 477 -21.62 -5.85 12.53
N TRP B 478 -20.99 -4.95 13.28
CA TRP B 478 -21.58 -4.53 14.55
C TRP B 478 -22.59 -3.40 14.33
N GLU B 479 -23.77 -3.71 13.80
CA GLU B 479 -24.89 -2.77 13.91
C GLU B 479 -25.38 -3.08 15.31
N LYS B 480 -24.52 -2.79 16.28
CA LYS B 480 -24.70 -3.24 17.65
C LYS B 480 -25.87 -2.60 18.38
N ARG B 481 -26.18 -1.34 18.10
CA ARG B 481 -27.06 -0.67 19.04
C ARG B 481 -28.54 -0.84 18.73
N GLU B 482 -29.34 -0.36 19.68
CA GLU B 482 -30.78 -0.58 19.72
C GLU B 482 -31.06 -1.21 21.08
N THR B 483 -32.03 -0.64 21.80
CA THR B 483 -32.36 -1.13 23.13
C THR B 483 -33.87 -1.30 23.29
N CYS B 484 -34.56 -0.19 23.60
CA CYS B 484 -36.04 -0.23 23.53
C CYS B 484 -36.47 0.99 22.75
N MET B 485 -35.48 1.70 22.22
CA MET B 485 -35.75 2.91 21.46
C MET B 485 -36.51 2.42 20.23
N PHE B 486 -37.84 2.53 20.29
CA PHE B 486 -38.70 2.09 19.18
C PHE B 486 -39.24 3.35 18.50
CHA HEM C . 21.45 -20.33 2.04
CHB HEM C . 18.73 -17.10 4.15
CHC HEM C . 22.37 -16.00 7.09
CHD HEM C . 25.08 -19.24 4.91
C1A HEM C . 20.43 -19.53 2.38
C2A HEM C . 19.22 -19.54 1.70
C3A HEM C . 18.46 -18.64 2.30
C4A HEM C . 19.19 -18.07 3.33
CMA HEM C . 17.07 -18.31 1.90
CAA HEM C . 18.84 -20.41 0.54
CBA HEM C . 19.32 -19.85 -0.81
CGA HEM C . 18.87 -20.71 -1.93
O1A HEM C . 19.32 -20.60 -3.08
O2A HEM C . 18.00 -21.56 -1.78
C1B HEM C . 19.54 -16.56 5.13
C2B HEM C . 19.05 -15.57 5.98
C3B HEM C . 20.02 -15.24 6.82
C4B HEM C . 21.17 -16.07 6.44
CMB HEM C . 17.69 -14.98 5.97
CAB HEM C . 19.94 -14.22 7.88
CBB HEM C . 18.77 -13.82 8.33
C1C HEM C . 23.41 -16.82 6.76
C2C HEM C . 24.59 -16.90 7.47
C3C HEM C . 25.36 -17.84 6.85
C4C HEM C . 24.63 -18.31 5.77
CMC HEM C . 24.88 -16.10 8.70
CAC HEM C . 26.70 -18.27 7.25
CBC HEM C . 27.10 -18.11 8.49
C1D HEM C . 24.24 -19.77 3.96
C2D HEM C . 24.71 -20.83 3.11
C3D HEM C . 23.71 -21.15 2.31
C4D HEM C . 22.63 -20.27 2.69
CMD HEM C . 26.06 -21.43 3.16
CAD HEM C . 23.69 -22.21 1.26
CBD HEM C . 23.97 -21.83 -0.18
CGD HEM C . 23.57 -22.93 -1.10
O1D HEM C . 23.19 -24.01 -0.67
O2D HEM C . 23.64 -22.77 -2.31
NA HEM C . 20.43 -18.61 3.34
NB HEM C . 20.80 -16.85 5.43
NC HEM C . 23.46 -17.66 5.73
ND HEM C . 23.00 -19.47 3.66
FE HEM C . 21.97 -18.24 4.48
CAA X2N D . 14.29 -0.14 -12.12
CAB X2N D . 17.57 -2.94 -14.65
OAC X2N D . 15.75 -4.59 -12.58
OAD X2N D . 17.88 -0.58 -14.20
FAE X2N D . 26.21 -15.05 -0.73
FAF X2N D . 28.22 -18.85 1.22
CAG X2N D . 27.23 -16.94 0.24
CAH X2N D . 20.00 -12.45 -3.68
CAI X2N D . 20.38 -13.62 -5.75
CAJ X2N D . 19.24 -11.51 -4.35
CAK X2N D . 19.60 -12.66 -6.42
CAL X2N D . 18.35 -6.17 -8.51
CAM X2N D . 16.50 -7.20 -9.62
CAN X2N D . 18.08 -4.99 -9.18
CAO X2N D . 16.26 -6.00 -10.29
CAP X2N D . 27.15 -18.26 0.66
CAQ X2N D . 23.69 -15.92 3.32
CAR X2N D . 24.87 -17.09 -0.49
CAS X2N D . 22.19 -16.72 1.91
CAT X2N D . 17.29 -2.52 -10.32
CAU X2N D . 15.47 -0.16 -13.07
CAV X2N D . 24.13 -15.63 -2.35
CAW X2N D . 18.07 -10.81 -7.80
CAX X2N D . 18.70 -9.28 -5.97
CAY X2N D . 17.21 -9.68 -8.38
CAZ X2N D . 17.77 -8.24 -6.57
CBB X2N D . 22.61 -14.81 -4.19
CBC X2N D . 23.03 -15.42 -0.13
NBD X2N D . 22.62 -16.74 3.20
NBE X2N D . 23.95 -15.36 2.12
NBF X2N D . 16.93 -1.63 -11.28
OBG X2N D . 21.33 -14.44 -3.70
OBH X2N D . 22.69 -17.33 -1.54
CBI X2N D . 26.13 -16.33 -0.32
CBJ X2N D . 24.83 -18.40 -0.06
CBK X2N D . 20.58 -13.51 -4.37
CBL X2N D . 19.03 -11.60 -5.72
CBM X2N D . 17.56 -7.29 -8.73
CBN X2N D . 17.03 -4.86 -10.08
CBO X2N D . 25.97 -18.98 0.51
CBP X2N D . 16.27 -3.62 -11.93
CBQ X2N D . 16.90 -1.57 -14.54
CBS X2N D . 15.81 -1.58 -13.48
NBT X2N D . 18.23 -10.63 -6.34
NBU X2N D . 17.91 -8.44 -8.01
NBV X2N D . 23.00 -15.91 1.25
NBW X2N D . 16.82 -3.70 -10.72
NBX X2N D . 16.28 -2.35 -12.30
C2 X2N D . 23.68 -16.41 -1.11
C32 X2N D . 22.09 -16.85 -2.74
C7 X2N D . 23.16 -16.02 -3.45
CHA HEM E . -20.16 19.26 -10.15
CHB HEM E . -18.26 16.77 -6.57
CHC HEM E . -22.64 16.16 -4.65
CHD HEM E . -24.50 18.68 -8.23
C1A HEM E . -19.30 18.61 -9.35
C2A HEM E . -17.94 18.51 -9.63
C3A HEM E . -17.42 17.82 -8.61
C4A HEM E . -18.43 17.48 -7.71
CMA HEM E . -15.99 17.46 -8.48
CAA HEM E . -17.12 19.06 -10.79
CBA HEM E . -17.14 18.28 -12.14
CGA HEM E . -16.12 18.72 -13.17
O1A HEM E . -15.79 18.03 -14.18
O2A HEM E . -15.58 19.82 -13.07
C1B HEM E . -19.32 16.40 -5.75
C2B HEM E . -19.16 15.64 -4.58
C3B HEM E . -20.38 15.47 -4.04
C4B HEM E . -21.30 16.16 -4.92
CMB HEM E . -17.88 15.11 -4.02
CAB HEM E . -20.78 14.77 -2.84
CBB HEM E . -19.88 14.49 -1.94
C1C HEM E . -23.53 16.83 -5.44
C2C HEM E . -24.87 17.00 -5.16
C3C HEM E . -25.39 17.73 -6.17
C4C HEM E . -24.34 17.98 -7.08
CMC HEM E . -25.62 16.53 -3.97
CAC HEM E . -26.78 18.16 -6.29
CBC HEM E . -27.43 18.73 -5.28
C1D HEM E . -23.42 18.99 -9.00
C2D HEM E . -23.58 19.79 -10.20
C3D HEM E . -22.39 19.95 -10.72
C4D HEM E . -21.49 19.27 -9.84
CMD HEM E . -24.82 20.34 -10.77
CAD HEM E . -22.12 20.74 -11.97
CBD HEM E . -21.41 20.04 -13.12
CGD HEM E . -20.97 21.05 -14.14
O1D HEM E . -21.26 22.23 -14.04
O2D HEM E . -20.30 20.73 -15.12
NA HEM E . -19.62 17.94 -8.20
NB HEM E . -20.61 16.68 -5.92
NC HEM E . -23.23 17.41 -6.60
ND HEM E . -22.15 18.71 -8.83
FE HEM E . -21.42 17.77 -7.46
CAA X2N F . -10.15 -3.70 -14.82
CAB X2N F . -12.35 -2.95 -18.48
OAC X2N F . -10.26 0.44 -17.53
OAD X2N F . -11.73 -4.58 -16.79
FAE X2N F . -23.89 13.15 -13.18
FAF X2N F . -26.34 17.16 -12.73
CAG X2N F . -25.14 15.15 -12.95
CAH X2N F . -17.17 10.31 -12.77
CAI X2N F . -16.47 11.03 -14.95
CAJ X2N F . -16.28 9.25 -12.84
CAK X2N F . -15.58 9.96 -15.01
CAL X2N F . -14.01 3.18 -15.16
CAM X2N F . -11.81 4.00 -15.56
CAN X2N F . -13.56 1.90 -15.40
CAO X2N F . -11.39 2.69 -15.79
CAP X2N F . -25.17 16.52 -12.72
CAQ X2N F . -22.79 15.27 -8.61
CAR X2N F . -22.66 15.23 -12.69
CAS X2N F . -20.83 15.64 -9.58
CAT X2N F . -12.52 -0.66 -15.20
CAU X2N F . -9.38 -3.38 -16.08
CAV X2N F . -21.35 13.46 -13.81
CAW X2N F . -13.67 7.93 -15.11
CAX X2N F . -15.33 6.73 -13.77
CAY X2N F . -12.79 6.68 -15.07
CAZ X2N F . -14.35 5.57 -13.68
CBB X2N F . -19.28 12.31 -14.60
CBC X2N F . -21.09 13.83 -11.37
NBD X2N F . -21.66 16.02 -8.58
NBE X2N F . -22.70 14.39 -9.63
NBF X2N F . -11.96 -1.84 -15.58
OBG X2N F . -18.13 12.27 -13.75
OBH X2N F . -20.28 15.41 -13.01
CBI X2N F . -23.92 14.48 -12.95
CBJ X2N F . -22.76 16.59 -12.48
CBK X2N F . -17.27 11.21 -13.83
CBL X2N F . -15.47 9.07 -13.96
CBM X2N F . -13.13 4.25 -15.23
CBN X2N F . -12.25 1.59 -15.73
CBO X2N F . -23.99 17.22 -12.48
CBP X2N F . -11.01 -0.22 -16.73
CBQ X2N F . -11.21 -3.69 -17.78
CBS X2N F . -10.25 -2.69 -17.14
NBT X2N F . -14.58 7.98 -13.95
NBU X2N F . -13.68 5.52 -14.99
NBV X2N F . -21.46 14.65 -10.22
NBW X2N F . -11.92 0.30 -15.90
NBX X2N F . -11.00 -1.55 -16.56
C2 X2N F . -21.35 14.51 -12.70
C32 X2N F . -19.33 14.77 -13.86
C7 X2N F . -20.05 13.63 -14.57
#